data_4J4Y
#
_entry.id   4J4Y
#
_cell.length_a   54.160
_cell.length_b   76.798
_cell.length_c   77.156
_cell.angle_alpha   82.79
_cell.angle_beta   69.51
_cell.angle_gamma   69.36
#
_symmetry.space_group_name_H-M   'P 1'
#
loop_
_entity.id
_entity.type
_entity.pdbx_description
1 polymer 'NP protein'
2 water water
#
_entity_poly.entity_id   1
_entity_poly.type   'polypeptide(L)'
_entity_poly.pdbx_seq_one_letter_code
;SNAMSEDNYRTIALAFLDESADSTTINAWVNEFAYQGFDPKRIVQLVKERGTAKGRDWKKDVKMMIVLNLVDGNEPESMM
KEMSEKGAAIVTQLISTYQLKEGNPGRDTITLSRVSAAFVPWTVQALKTLSESLPVTGTTMDSIAGTTYPRCMMHPSFAG
IIDLELPNNTGAMLADAHGLFMLEFSKTINPSLRTKQPNEIAATFEKPNMAAMTGRFFTRDDKKKLLIAIGVLNEDLVPN
PAIEKCAEKYKAKVGKV
;
_entity_poly.pdbx_strand_id   A,B,C,D
#
# COMPACT_ATOMS: atom_id res chain seq x y z
N ASP A 7 8.35 47.27 -3.84
CA ASP A 7 8.08 46.25 -4.82
C ASP A 7 6.72 45.64 -4.64
N ASN A 8 6.07 45.28 -5.74
CA ASN A 8 4.88 44.47 -5.63
C ASN A 8 5.12 43.08 -6.17
N TYR A 9 5.21 42.13 -5.27
CA TYR A 9 5.16 40.71 -5.54
C TYR A 9 3.72 40.61 -5.79
N ARG A 10 3.28 39.70 -6.63
CA ARG A 10 1.97 39.78 -7.20
C ARG A 10 2.12 40.29 -8.61
N THR A 11 2.34 41.58 -8.71
CA THR A 11 2.54 42.21 -9.98
C THR A 11 3.76 41.53 -10.58
N ILE A 12 4.77 41.30 -9.77
CA ILE A 12 5.99 40.68 -10.24
C ILE A 12 5.70 39.29 -10.76
N ALA A 13 4.95 38.53 -9.99
CA ALA A 13 4.26 37.39 -10.48
C ALA A 13 3.11 38.08 -11.14
N LEU A 14 2.40 37.39 -11.99
CA LEU A 14 1.42 38.01 -12.83
C LEU A 14 2.12 38.54 -14.03
N ALA A 15 3.23 39.22 -13.80
CA ALA A 15 4.09 39.65 -14.86
C ALA A 15 4.69 38.47 -15.56
N PHE A 16 4.69 37.33 -14.89
CA PHE A 16 5.31 36.14 -15.40
C PHE A 16 4.45 35.47 -16.42
N LEU A 17 3.26 36.00 -16.60
CA LEU A 17 2.36 35.50 -17.59
C LEU A 17 2.95 35.66 -18.96
N ASP A 18 3.59 36.77 -19.22
CA ASP A 18 4.25 36.90 -20.50
C ASP A 18 5.73 36.85 -20.49
N GLU A 19 6.33 36.26 -19.47
CA GLU A 19 7.72 35.93 -19.54
C GLU A 19 7.79 34.78 -20.48
N SER A 20 8.87 34.68 -21.21
CA SER A 20 8.96 33.76 -22.33
C SER A 20 8.89 32.32 -21.91
N ALA A 21 8.18 31.53 -22.71
CA ALA A 21 8.04 30.10 -22.50
C ALA A 21 8.33 29.31 -23.77
N ASP A 22 9.60 29.17 -24.12
CA ASP A 22 9.98 28.60 -25.40
C ASP A 22 10.12 27.09 -25.39
N SER A 23 9.42 26.46 -26.32
CA SER A 23 9.28 25.05 -26.32
C SER A 23 10.64 24.48 -26.40
N THR A 24 11.44 25.06 -27.25
CA THR A 24 12.76 24.56 -27.45
C THR A 24 13.61 24.68 -26.23
N THR A 25 13.57 25.86 -25.63
CA THR A 25 14.35 26.13 -24.46
C THR A 25 13.92 25.28 -23.28
N ILE A 26 12.63 25.19 -23.11
CA ILE A 26 12.08 24.38 -22.06
C ILE A 26 12.52 22.97 -22.34
N ASN A 27 12.24 22.52 -23.54
CA ASN A 27 12.47 21.14 -23.89
C ASN A 27 13.92 20.81 -23.76
N ALA A 28 14.75 21.80 -23.96
CA ALA A 28 16.14 21.59 -23.77
C ALA A 28 16.34 21.24 -22.32
N TRP A 29 15.70 22.00 -21.45
CA TRP A 29 15.89 21.85 -20.03
C TRP A 29 15.48 20.47 -19.59
N VAL A 30 14.46 19.97 -20.23
CA VAL A 30 13.93 18.71 -19.85
C VAL A 30 15.05 17.73 -20.04
N ASN A 31 15.80 17.87 -21.10
CA ASN A 31 16.90 16.97 -21.34
C ASN A 31 18.12 16.95 -20.42
N GLU A 32 18.59 18.08 -19.94
CA GLU A 32 19.72 18.01 -19.04
C GLU A 32 19.22 17.54 -17.72
N PHE A 33 17.93 17.75 -17.48
CA PHE A 33 17.30 17.37 -16.24
C PHE A 33 16.85 15.94 -16.14
N ALA A 34 16.82 15.29 -17.27
CA ALA A 34 16.28 13.95 -17.37
C ALA A 34 17.01 12.95 -16.51
N TYR A 35 16.29 11.96 -16.04
CA TYR A 35 16.86 10.87 -15.29
C TYR A 35 17.53 9.90 -16.25
N GLN A 36 18.79 9.63 -16.01
CA GLN A 36 19.59 8.81 -16.89
C GLN A 36 19.22 7.33 -17.06
N GLY A 37 18.86 6.66 -15.99
CA GLY A 37 18.66 5.23 -16.06
C GLY A 37 19.94 4.53 -15.68
N PHE A 38 19.83 3.38 -15.05
CA PHE A 38 20.99 2.75 -14.45
C PHE A 38 22.07 2.32 -15.45
N ASP A 39 23.31 2.35 -14.99
CA ASP A 39 24.45 1.98 -15.77
C ASP A 39 24.89 0.62 -15.34
N PRO A 40 24.90 -0.32 -16.24
CA PRO A 40 25.40 -1.65 -15.96
C PRO A 40 26.85 -1.64 -15.58
N LYS A 41 27.62 -0.68 -16.04
CA LYS A 41 29.01 -0.56 -15.67
C LYS A 41 29.15 -0.28 -14.21
N ARG A 42 28.33 0.61 -13.73
CA ARG A 42 28.31 0.92 -12.35
C ARG A 42 27.86 -0.23 -11.51
N ILE A 43 26.92 -1.02 -11.99
CA ILE A 43 26.42 -2.11 -11.20
C ILE A 43 27.49 -3.14 -10.96
N VAL A 44 28.25 -3.44 -11.98
CA VAL A 44 29.28 -4.43 -11.92
C VAL A 44 30.30 -3.97 -10.91
N GLN A 45 30.59 -2.69 -10.93
CA GLN A 45 31.52 -2.11 -10.00
C GLN A 45 31.07 -2.20 -8.58
N LEU A 46 29.84 -1.87 -8.30
CA LEU A 46 29.34 -1.96 -6.96
C LEU A 46 29.28 -3.36 -6.44
N VAL A 47 28.95 -4.31 -7.30
CA VAL A 47 28.89 -5.68 -6.87
C VAL A 47 30.25 -6.17 -6.45
N LYS A 48 31.26 -5.90 -7.22
CA LYS A 48 32.59 -6.31 -6.86
C LYS A 48 33.09 -5.60 -5.64
N GLU A 49 32.90 -4.30 -5.60
CA GLU A 49 33.43 -3.57 -4.52
C GLU A 49 32.81 -4.05 -3.25
N ARG A 50 31.50 -4.16 -3.22
CA ARG A 50 30.83 -4.63 -2.04
C ARG A 50 31.09 -6.07 -1.67
N GLY A 51 31.18 -6.94 -2.64
CA GLY A 51 31.51 -8.31 -2.36
C GLY A 51 32.90 -8.56 -1.83
N THR A 52 33.89 -7.96 -2.46
CA THR A 52 35.25 -8.05 -2.02
C THR A 52 35.41 -7.44 -0.65
N ALA A 53 34.69 -6.38 -0.40
CA ALA A 53 34.78 -5.69 0.86
C ALA A 53 34.38 -6.56 2.03
N LYS A 54 33.50 -7.50 1.82
CA LYS A 54 33.09 -8.40 2.85
C LYS A 54 33.80 -9.70 2.71
N GLY A 55 34.83 -9.74 1.90
CA GLY A 55 35.53 -10.97 1.65
C GLY A 55 34.70 -12.14 1.18
N ARG A 56 33.85 -11.92 0.20
CA ARG A 56 33.01 -12.97 -0.34
C ARG A 56 33.39 -13.35 -1.72
N ASP A 57 32.90 -14.48 -2.13
CA ASP A 57 33.06 -14.92 -3.47
C ASP A 57 31.98 -14.20 -4.22
N TRP A 58 32.29 -13.02 -4.68
CA TRP A 58 31.31 -12.18 -5.29
C TRP A 58 30.75 -12.75 -6.56
N LYS A 59 31.56 -13.41 -7.33
CA LYS A 59 31.14 -13.99 -8.58
C LYS A 59 30.08 -15.06 -8.42
N LYS A 60 30.22 -15.87 -7.38
CA LYS A 60 29.25 -16.85 -6.99
C LYS A 60 28.00 -16.19 -6.55
N ASP A 61 28.16 -15.06 -5.87
CA ASP A 61 27.07 -14.29 -5.36
C ASP A 61 26.21 -13.77 -6.44
N VAL A 62 26.86 -13.34 -7.49
CA VAL A 62 26.21 -12.82 -8.64
C VAL A 62 25.39 -13.95 -9.20
N LYS A 63 25.95 -15.14 -9.25
CA LYS A 63 25.25 -16.27 -9.80
C LYS A 63 24.01 -16.60 -9.00
N MET A 64 24.12 -16.58 -7.69
CA MET A 64 22.98 -16.74 -6.87
C MET A 64 21.95 -15.67 -7.00
N MET A 65 22.37 -14.44 -7.07
CA MET A 65 21.45 -13.36 -7.17
C MET A 65 20.66 -13.48 -8.46
N ILE A 66 21.30 -13.92 -9.53
CA ILE A 66 20.64 -14.14 -10.78
C ILE A 66 19.64 -15.26 -10.74
N VAL A 67 20.01 -16.37 -10.13
CA VAL A 67 19.13 -17.49 -10.08
C VAL A 67 17.90 -17.09 -9.30
N LEU A 68 18.13 -16.38 -8.23
CA LEU A 68 17.07 -15.91 -7.40
C LEU A 68 16.13 -15.01 -8.14
N ASN A 69 16.67 -14.10 -8.89
CA ASN A 69 15.88 -13.21 -9.70
C ASN A 69 15.05 -13.90 -10.77
N LEU A 70 15.62 -14.85 -11.47
CA LEU A 70 14.87 -15.54 -12.47
C LEU A 70 13.73 -16.30 -11.89
N VAL A 71 14.02 -17.07 -10.86
CA VAL A 71 13.03 -17.81 -10.12
C VAL A 71 12.05 -17.01 -9.27
N ASP A 72 12.53 -16.05 -8.51
CA ASP A 72 11.66 -15.39 -7.57
C ASP A 72 11.32 -13.97 -7.79
N GLY A 73 11.82 -13.36 -8.83
CA GLY A 73 11.51 -11.98 -9.06
C GLY A 73 12.39 -10.95 -8.41
N ASN A 74 11.93 -9.73 -8.45
CA ASN A 74 12.68 -8.59 -8.00
C ASN A 74 12.40 -8.05 -6.61
N GLU A 75 11.62 -8.75 -5.78
CA GLU A 75 11.34 -8.23 -4.45
C GLU A 75 12.00 -9.09 -3.44
N PRO A 76 13.18 -8.71 -3.02
CA PRO A 76 13.95 -9.59 -2.16
C PRO A 76 13.44 -9.85 -0.75
N GLU A 77 13.19 -8.84 0.05
CA GLU A 77 12.76 -9.06 1.41
C GLU A 77 11.42 -9.76 1.39
N SER A 78 10.58 -9.37 0.46
CA SER A 78 9.26 -9.90 0.36
C SER A 78 9.28 -11.32 -0.13
N MET A 79 10.41 -11.75 -0.63
CA MET A 79 10.57 -13.13 -1.02
C MET A 79 10.58 -14.06 0.16
N MET A 80 11.31 -13.67 1.19
CA MET A 80 11.97 -14.54 2.12
C MET A 80 10.99 -15.42 2.87
N LYS A 81 9.76 -14.98 2.92
CA LYS A 81 8.73 -15.61 3.71
C LYS A 81 8.51 -17.04 3.25
N GLU A 82 8.61 -17.25 1.95
CA GLU A 82 8.15 -18.47 1.35
C GLU A 82 9.20 -19.47 1.02
N MET A 83 10.41 -19.28 1.45
CA MET A 83 11.44 -20.22 1.11
C MET A 83 12.06 -20.84 2.32
N SER A 84 12.84 -21.87 2.10
CA SER A 84 13.43 -22.58 3.19
C SER A 84 14.41 -21.69 3.86
N GLU A 85 14.65 -21.99 5.10
CA GLU A 85 15.48 -21.17 5.93
C GLU A 85 16.91 -21.16 5.49
N LYS A 86 17.38 -22.24 4.92
CA LYS A 86 18.72 -22.23 4.40
C LYS A 86 18.78 -21.16 3.34
N GLY A 87 17.81 -21.18 2.45
CA GLY A 87 17.71 -20.19 1.41
C GLY A 87 17.46 -18.81 1.92
N ALA A 88 16.61 -18.69 2.91
CA ALA A 88 16.21 -17.41 3.41
C ALA A 88 17.39 -16.72 4.00
N ALA A 89 18.26 -17.52 4.60
CA ALA A 89 19.49 -17.05 5.15
C ALA A 89 20.41 -16.51 4.12
N ILE A 90 20.53 -17.19 3.01
CA ILE A 90 21.36 -16.69 1.98
C ILE A 90 20.86 -15.36 1.50
N VAL A 91 19.59 -15.24 1.28
CA VAL A 91 19.06 -14.03 0.72
C VAL A 91 19.36 -12.89 1.64
N THR A 92 19.27 -13.14 2.93
CA THR A 92 19.46 -12.09 3.90
C THR A 92 20.86 -11.56 3.79
N GLN A 93 21.82 -12.44 3.58
CA GLN A 93 23.18 -12.06 3.36
C GLN A 93 23.46 -11.27 2.08
N LEU A 94 22.82 -11.65 0.99
CA LEU A 94 22.94 -10.94 -0.27
C LEU A 94 22.39 -9.56 -0.16
N ILE A 95 21.28 -9.44 0.52
CA ILE A 95 20.68 -8.17 0.75
C ILE A 95 21.55 -7.29 1.59
N SER A 96 22.15 -7.86 2.62
CA SER A 96 23.04 -7.09 3.46
C SER A 96 24.30 -6.60 2.78
N THR A 97 24.99 -7.53 2.14
CA THR A 97 26.21 -7.25 1.43
C THR A 97 26.10 -6.32 0.24
N TYR A 98 25.09 -6.51 -0.57
CA TYR A 98 24.97 -5.73 -1.78
C TYR A 98 24.01 -4.61 -1.63
N GLN A 99 23.42 -4.48 -0.47
CA GLN A 99 22.54 -3.36 -0.24
C GLN A 99 21.41 -3.33 -1.24
N LEU A 100 20.81 -4.48 -1.44
CA LEU A 100 19.74 -4.67 -2.39
C LEU A 100 18.45 -3.98 -2.05
N LYS A 101 17.83 -3.48 -3.09
CA LYS A 101 16.57 -2.80 -2.99
C LYS A 101 15.62 -3.42 -3.99
N GLU A 102 14.34 -3.21 -3.75
CA GLU A 102 13.29 -3.72 -4.59
C GLU A 102 12.85 -2.68 -5.57
N GLY A 103 12.09 -3.12 -6.56
CA GLY A 103 11.55 -2.28 -7.58
C GLY A 103 12.46 -1.52 -8.49
N ASN A 104 12.20 -0.23 -8.64
CA ASN A 104 12.91 0.55 -9.61
C ASN A 104 13.42 1.83 -9.05
N PRO A 105 14.46 1.76 -8.26
CA PRO A 105 14.96 2.90 -7.52
C PRO A 105 15.89 3.71 -8.34
N GLY A 106 16.70 4.48 -7.65
CA GLY A 106 17.69 5.31 -8.30
C GLY A 106 18.83 4.56 -8.89
N ARG A 107 19.52 5.21 -9.79
CA ARG A 107 20.52 4.59 -10.62
C ARG A 107 21.71 4.00 -9.89
N ASP A 108 22.06 4.53 -8.75
CA ASP A 108 23.24 4.11 -8.06
C ASP A 108 22.92 2.94 -7.16
N THR A 109 21.75 2.38 -7.33
CA THR A 109 21.29 1.35 -6.43
C THR A 109 21.28 0.01 -7.13
N ILE A 110 21.72 -1.03 -6.43
CA ILE A 110 21.62 -2.39 -6.94
C ILE A 110 20.30 -3.07 -6.67
N THR A 111 19.75 -3.67 -7.72
CA THR A 111 18.59 -4.49 -7.60
C THR A 111 18.87 -5.82 -8.27
N LEU A 112 18.13 -6.83 -7.90
CA LEU A 112 18.37 -8.15 -8.40
C LEU A 112 18.25 -8.18 -9.89
N SER A 113 17.32 -7.43 -10.40
CA SER A 113 17.06 -7.29 -11.78
C SER A 113 18.19 -6.62 -12.53
N ARG A 114 18.78 -5.62 -11.93
CA ARG A 114 19.97 -5.02 -12.47
C ARG A 114 21.18 -5.95 -12.49
N VAL A 115 21.29 -6.81 -11.51
CA VAL A 115 22.35 -7.79 -11.51
C VAL A 115 22.23 -8.72 -12.68
N SER A 116 21.02 -9.13 -12.98
CA SER A 116 20.73 -9.97 -14.12
C SER A 116 21.05 -9.32 -15.44
N ALA A 117 20.76 -8.05 -15.55
CA ALA A 117 21.14 -7.26 -16.68
C ALA A 117 22.61 -6.95 -16.88
N ALA A 118 23.31 -6.63 -15.81
CA ALA A 118 24.73 -6.34 -15.85
C ALA A 118 25.48 -7.57 -16.25
N PHE A 119 25.06 -8.67 -15.71
CA PHE A 119 25.74 -9.91 -15.85
C PHE A 119 25.04 -10.88 -16.76
N VAL A 120 24.38 -10.39 -17.77
CA VAL A 120 23.52 -11.13 -18.66
C VAL A 120 24.26 -12.19 -19.43
N PRO A 121 25.56 -12.07 -19.54
CA PRO A 121 26.32 -13.15 -20.17
C PRO A 121 26.22 -14.43 -19.37
N TRP A 122 26.18 -14.38 -18.06
CA TRP A 122 25.79 -15.52 -17.26
C TRP A 122 24.32 -15.92 -17.37
N THR A 123 23.45 -14.93 -17.38
CA THR A 123 22.03 -15.12 -17.33
C THR A 123 21.47 -15.92 -18.49
N VAL A 124 21.93 -15.67 -19.69
CA VAL A 124 21.47 -16.37 -20.87
C VAL A 124 21.82 -17.84 -20.80
N GLN A 125 22.93 -18.15 -20.18
CA GLN A 125 23.31 -19.50 -19.92
C GLN A 125 22.47 -20.23 -18.93
N ALA A 126 22.17 -19.58 -17.84
CA ALA A 126 21.44 -20.16 -16.75
C ALA A 126 20.00 -20.53 -17.08
N LEU A 127 19.43 -19.83 -18.02
CA LEU A 127 18.06 -20.03 -18.45
C LEU A 127 17.83 -21.42 -19.02
N LYS A 128 18.84 -21.97 -19.65
CA LYS A 128 18.70 -23.25 -20.26
C LYS A 128 18.38 -24.25 -19.21
N THR A 129 19.02 -24.13 -18.06
CA THR A 129 18.94 -25.15 -17.08
C THR A 129 17.76 -25.03 -16.14
N LEU A 130 17.09 -23.91 -16.13
CA LEU A 130 16.04 -23.73 -15.18
C LEU A 130 14.73 -23.21 -15.74
N SER A 131 14.44 -23.54 -16.99
CA SER A 131 13.29 -23.03 -17.69
C SER A 131 11.95 -23.41 -17.11
N GLU A 132 11.84 -24.61 -16.59
CA GLU A 132 10.60 -25.04 -16.03
C GLU A 132 10.24 -24.26 -14.78
N SER A 133 11.25 -23.74 -14.11
CA SER A 133 11.07 -23.08 -12.84
C SER A 133 10.83 -21.59 -12.99
N LEU A 134 10.85 -21.13 -14.22
CA LEU A 134 10.61 -19.75 -14.48
C LEU A 134 9.16 -19.46 -14.35
N PRO A 135 8.77 -18.21 -14.30
CA PRO A 135 7.36 -17.88 -14.23
C PRO A 135 6.59 -18.38 -15.42
N VAL A 136 7.16 -18.23 -16.60
CA VAL A 136 6.61 -18.82 -17.77
C VAL A 136 7.59 -19.88 -18.13
N THR A 137 7.15 -21.10 -18.27
CA THR A 137 8.05 -22.18 -18.58
C THR A 137 8.49 -22.28 -20.02
N GLY A 138 9.47 -23.12 -20.25
CA GLY A 138 9.91 -23.34 -21.59
C GLY A 138 8.79 -23.94 -22.38
N THR A 139 8.15 -24.91 -21.80
CA THR A 139 7.15 -25.68 -22.48
C THR A 139 6.02 -24.78 -22.88
N THR A 140 5.70 -23.83 -22.03
CA THR A 140 4.68 -22.89 -22.33
C THR A 140 5.08 -22.12 -23.52
N MET A 141 6.32 -21.68 -23.54
CA MET A 141 6.84 -20.86 -24.59
C MET A 141 6.85 -21.64 -25.89
N ASP A 142 7.18 -22.91 -25.77
CA ASP A 142 7.20 -23.78 -26.90
C ASP A 142 5.83 -23.87 -27.52
N SER A 143 4.82 -23.93 -26.70
CA SER A 143 3.47 -24.03 -27.20
C SER A 143 3.11 -22.81 -27.96
N ILE A 144 3.37 -21.68 -27.38
CA ILE A 144 3.04 -20.45 -28.02
C ILE A 144 3.84 -20.29 -29.28
N ALA A 145 5.09 -20.72 -29.24
CA ALA A 145 5.98 -20.61 -30.39
C ALA A 145 5.61 -21.52 -31.54
N GLY A 146 5.24 -22.74 -31.23
CA GLY A 146 5.03 -23.77 -32.21
C GLY A 146 6.31 -24.45 -32.58
N THR A 147 7.37 -24.05 -31.90
CA THR A 147 8.70 -24.59 -32.07
C THR A 147 9.43 -24.27 -30.81
N THR A 148 10.60 -24.86 -30.60
CA THR A 148 11.32 -24.59 -29.39
C THR A 148 11.65 -23.14 -29.33
N TYR A 149 11.28 -22.51 -28.25
CA TYR A 149 11.57 -21.12 -28.07
C TYR A 149 12.86 -21.06 -27.33
N PRO A 150 13.83 -20.31 -27.81
CA PRO A 150 15.15 -20.44 -27.22
C PRO A 150 15.17 -19.98 -25.79
N ARG A 151 15.74 -20.80 -24.95
CA ARG A 151 15.78 -20.57 -23.55
C ARG A 151 16.51 -19.30 -23.24
N CYS A 152 17.53 -18.99 -24.00
CA CYS A 152 18.36 -17.85 -23.73
C CYS A 152 17.60 -16.54 -23.84
N MET A 153 16.46 -16.57 -24.47
CA MET A 153 15.73 -15.36 -24.67
C MET A 153 14.71 -15.10 -23.58
N MET A 154 14.51 -16.03 -22.68
CA MET A 154 13.44 -15.93 -21.69
C MET A 154 13.73 -15.17 -20.40
N HIS A 155 14.12 -13.94 -20.54
CA HIS A 155 14.16 -13.02 -19.46
C HIS A 155 14.30 -11.70 -20.13
N PRO A 156 13.93 -10.60 -19.51
CA PRO A 156 14.07 -9.31 -20.17
C PRO A 156 15.49 -8.86 -20.44
N SER A 157 16.46 -9.37 -19.70
CA SER A 157 17.84 -8.95 -19.78
C SER A 157 18.46 -9.25 -21.12
N PHE A 158 17.86 -10.17 -21.84
CA PHE A 158 18.33 -10.57 -23.14
C PHE A 158 18.29 -9.39 -24.07
N ALA A 159 17.48 -8.41 -23.75
CA ALA A 159 17.33 -7.26 -24.58
C ALA A 159 18.62 -6.52 -24.64
N GLY A 160 19.41 -6.70 -23.62
CA GLY A 160 20.73 -6.16 -23.50
C GLY A 160 21.77 -6.63 -24.49
N ILE A 161 21.59 -7.79 -25.07
CA ILE A 161 22.51 -8.29 -26.07
C ILE A 161 22.01 -8.22 -27.51
N ILE A 162 20.97 -7.45 -27.76
CA ILE A 162 20.47 -7.32 -29.10
C ILE A 162 21.15 -6.16 -29.74
N ASP A 163 21.69 -6.38 -30.92
CA ASP A 163 22.22 -5.33 -31.72
C ASP A 163 21.20 -5.08 -32.79
N LEU A 164 20.62 -3.90 -32.76
CA LEU A 164 19.56 -3.56 -33.70
C LEU A 164 20.01 -3.47 -35.11
N GLU A 165 21.23 -3.04 -35.29
CA GLU A 165 21.70 -2.64 -36.58
C GLU A 165 22.15 -3.79 -37.44
N LEU A 166 22.01 -5.00 -36.92
CA LEU A 166 22.43 -6.14 -37.66
C LEU A 166 21.68 -6.19 -38.94
N PRO A 167 22.35 -6.57 -40.01
CA PRO A 167 21.79 -6.47 -41.35
C PRO A 167 20.64 -7.42 -41.64
N ASN A 168 19.95 -7.17 -42.74
CA ASN A 168 18.74 -7.89 -43.10
C ASN A 168 17.71 -7.76 -42.02
N ASN A 169 17.73 -6.61 -41.38
CA ASN A 169 17.03 -6.40 -40.12
C ASN A 169 16.89 -7.65 -39.26
N THR A 170 18.00 -8.28 -38.94
CA THR A 170 18.03 -9.44 -38.10
C THR A 170 17.86 -8.98 -36.66
N GLY A 171 18.24 -7.75 -36.38
CA GLY A 171 18.00 -7.17 -35.09
C GLY A 171 16.56 -6.89 -34.80
N ALA A 172 15.89 -6.35 -35.80
CA ALA A 172 14.49 -6.10 -35.72
C ALA A 172 13.78 -7.41 -35.51
N MET A 173 14.23 -8.41 -36.21
CA MET A 173 13.66 -9.71 -36.03
C MET A 173 13.88 -10.22 -34.65
N LEU A 174 15.09 -10.04 -34.13
CA LEU A 174 15.44 -10.61 -32.85
C LEU A 174 14.57 -10.04 -31.76
N ALA A 175 14.34 -8.76 -31.84
CA ALA A 175 13.50 -8.09 -30.90
C ALA A 175 12.08 -8.57 -30.93
N ASP A 176 11.51 -8.78 -32.11
CA ASP A 176 10.17 -9.26 -32.20
C ASP A 176 10.08 -10.61 -31.56
N ALA A 177 11.02 -11.48 -31.83
CA ALA A 177 11.05 -12.77 -31.19
C ALA A 177 11.22 -12.74 -29.66
N HIS A 178 11.95 -11.76 -29.17
CA HIS A 178 12.07 -11.51 -27.76
C HIS A 178 10.73 -11.06 -27.26
N GLY A 179 10.03 -10.35 -28.10
CA GLY A 179 8.74 -9.82 -27.77
C GLY A 179 7.78 -10.91 -27.44
N LEU A 180 7.93 -12.04 -28.07
CA LEU A 180 6.99 -13.09 -27.90
C LEU A 180 6.98 -13.51 -26.46
N PHE A 181 8.14 -13.69 -25.89
CA PHE A 181 8.25 -13.99 -24.50
C PHE A 181 7.85 -12.84 -23.56
N MET A 182 8.17 -11.61 -23.91
CA MET A 182 7.96 -10.49 -23.04
C MET A 182 6.51 -10.34 -22.71
N LEU A 183 5.67 -10.53 -23.70
CA LEU A 183 4.27 -10.34 -23.53
C LEU A 183 3.78 -11.29 -22.48
N GLU A 184 4.19 -12.54 -22.60
CA GLU A 184 3.80 -13.51 -21.63
C GLU A 184 4.33 -13.17 -20.30
N PHE A 185 5.58 -12.74 -20.24
CA PHE A 185 6.23 -12.41 -19.00
C PHE A 185 5.63 -11.21 -18.36
N SER A 186 5.30 -10.22 -19.15
CA SER A 186 4.70 -9.02 -18.63
C SER A 186 3.37 -9.32 -18.00
N LYS A 187 2.64 -10.25 -18.57
CA LYS A 187 1.35 -10.56 -18.08
C LYS A 187 1.50 -11.09 -16.72
N THR A 188 2.49 -11.93 -16.53
CA THR A 188 2.66 -12.49 -15.22
C THR A 188 3.12 -11.54 -14.13
N ILE A 189 4.13 -10.74 -14.36
CA ILE A 189 4.59 -9.92 -13.29
C ILE A 189 3.68 -8.73 -13.07
N ASN A 190 2.91 -8.36 -14.08
CA ASN A 190 1.95 -7.31 -13.95
C ASN A 190 0.62 -7.81 -14.39
N PRO A 191 -0.12 -8.49 -13.41
CA PRO A 191 -1.35 -9.10 -13.91
C PRO A 191 -2.44 -8.16 -14.33
N SER A 192 -2.29 -6.89 -14.04
CA SER A 192 -3.24 -5.90 -14.49
C SER A 192 -3.26 -5.81 -16.01
N LEU A 193 -2.71 -6.80 -16.67
CA LEU A 193 -2.42 -6.71 -18.06
C LEU A 193 -2.90 -7.92 -18.80
N ARG A 194 -3.22 -9.00 -18.11
CA ARG A 194 -3.65 -10.19 -18.80
C ARG A 194 -5.05 -10.08 -19.35
N THR A 195 -5.72 -9.01 -19.00
CA THR A 195 -7.00 -8.68 -19.59
C THR A 195 -6.84 -7.80 -20.79
N LYS A 196 -5.61 -7.49 -21.10
CA LYS A 196 -5.29 -6.55 -22.13
C LYS A 196 -4.85 -7.31 -23.34
N GLN A 197 -4.90 -6.66 -24.47
CA GLN A 197 -4.48 -7.27 -25.70
C GLN A 197 -2.97 -7.17 -25.93
N PRO A 198 -2.43 -7.95 -26.84
CA PRO A 198 -0.99 -7.98 -26.98
C PRO A 198 -0.39 -6.65 -27.32
N ASN A 199 -0.97 -5.94 -28.24
CA ASN A 199 -0.44 -4.65 -28.61
C ASN A 199 -0.43 -3.71 -27.44
N GLU A 200 -1.40 -3.85 -26.56
CA GLU A 200 -1.42 -3.06 -25.37
C GLU A 200 -0.32 -3.38 -24.39
N ILE A 201 -0.06 -4.66 -24.21
CA ILE A 201 0.99 -5.10 -23.35
C ILE A 201 2.34 -4.65 -23.87
N ALA A 202 2.50 -4.73 -25.16
CA ALA A 202 3.77 -4.52 -25.76
C ALA A 202 4.21 -3.13 -25.38
N ALA A 203 3.29 -2.21 -25.30
CA ALA A 203 3.63 -0.83 -25.01
C ALA A 203 4.13 -0.61 -23.61
N THR A 204 3.87 -1.55 -22.72
CA THR A 204 4.39 -1.44 -21.41
C THR A 204 5.88 -1.59 -21.44
N PHE A 205 6.37 -2.54 -22.21
CA PHE A 205 7.77 -2.84 -22.20
C PHE A 205 8.52 -2.28 -23.37
N GLU A 206 7.93 -1.39 -24.13
CA GLU A 206 8.65 -0.82 -25.25
C GLU A 206 9.80 0.07 -24.85
N LYS A 207 9.54 0.98 -23.96
CA LYS A 207 10.54 1.95 -23.57
C LYS A 207 11.73 1.32 -22.88
N PRO A 208 11.48 0.49 -21.90
CA PRO A 208 12.56 -0.15 -21.16
C PRO A 208 13.40 -1.11 -21.98
N ASN A 209 12.78 -1.90 -22.83
CA ASN A 209 13.53 -2.79 -23.69
C ASN A 209 14.37 -2.03 -24.66
N MET A 210 13.84 -0.94 -25.16
CA MET A 210 14.57 -0.17 -26.11
C MET A 210 15.83 0.36 -25.50
N ALA A 211 15.73 0.83 -24.29
CA ALA A 211 16.87 1.35 -23.62
C ALA A 211 17.90 0.27 -23.48
N ALA A 212 17.44 -0.93 -23.25
CA ALA A 212 18.31 -2.07 -23.10
C ALA A 212 19.09 -2.38 -24.35
N MET A 213 18.41 -2.36 -25.49
CA MET A 213 18.99 -2.59 -26.80
C MET A 213 19.96 -1.53 -27.31
N THR A 214 19.80 -0.31 -26.87
CA THR A 214 20.59 0.79 -27.36
C THR A 214 21.65 1.22 -26.41
N GLY A 215 21.76 0.51 -25.31
CA GLY A 215 22.71 0.81 -24.28
C GLY A 215 24.08 0.64 -24.84
N ARG A 216 25.01 1.41 -24.33
CA ARG A 216 26.32 1.45 -24.91
C ARG A 216 27.34 0.53 -24.28
N PHE A 217 26.97 -0.16 -23.21
CA PHE A 217 27.86 -0.93 -22.40
C PHE A 217 28.57 -2.05 -23.14
N PHE A 218 27.85 -2.73 -23.99
CA PHE A 218 28.41 -3.78 -24.76
C PHE A 218 28.48 -3.21 -26.14
N THR A 219 29.54 -3.52 -26.85
CA THR A 219 29.69 -3.11 -28.22
C THR A 219 28.99 -4.02 -29.17
N ARG A 220 28.90 -3.58 -30.40
CA ARG A 220 28.26 -4.35 -31.43
C ARG A 220 28.99 -5.64 -31.63
N ASP A 221 30.28 -5.57 -31.51
CA ASP A 221 31.09 -6.73 -31.59
C ASP A 221 30.90 -7.72 -30.48
N ASP A 222 30.72 -7.25 -29.28
CA ASP A 222 30.42 -8.10 -28.17
C ASP A 222 29.11 -8.80 -28.33
N LYS A 223 28.11 -8.09 -28.78
CA LYS A 223 26.82 -8.65 -28.93
C LYS A 223 26.85 -9.78 -29.92
N LYS A 224 27.60 -9.60 -30.97
CA LYS A 224 27.72 -10.59 -31.98
C LYS A 224 28.29 -11.79 -31.35
N LYS A 225 29.29 -11.60 -30.53
CA LYS A 225 30.02 -12.67 -29.94
C LYS A 225 29.14 -13.51 -29.05
N LEU A 226 28.36 -12.87 -28.20
CA LEU A 226 27.45 -13.57 -27.33
C LEU A 226 26.34 -14.30 -28.01
N LEU A 227 25.73 -13.65 -28.97
CA LEU A 227 24.64 -14.21 -29.73
C LEU A 227 25.03 -15.45 -30.51
N ILE A 228 26.22 -15.44 -31.07
CA ILE A 228 26.78 -16.62 -31.64
C ILE A 228 27.06 -17.68 -30.61
N ALA A 229 27.57 -17.27 -29.46
CA ALA A 229 27.93 -18.19 -28.41
C ALA A 229 26.73 -18.94 -27.89
N ILE A 230 25.62 -18.28 -27.80
CA ILE A 230 24.44 -18.88 -27.25
C ILE A 230 23.56 -19.48 -28.34
N GLY A 231 24.03 -19.46 -29.58
CA GLY A 231 23.38 -20.19 -30.61
C GLY A 231 22.23 -19.51 -31.29
N VAL A 232 22.02 -18.27 -30.93
CA VAL A 232 21.10 -17.41 -31.61
C VAL A 232 21.56 -17.08 -33.00
N LEU A 233 22.84 -16.85 -33.15
CA LEU A 233 23.38 -16.54 -34.43
C LEU A 233 24.45 -17.52 -34.73
N ASN A 234 24.69 -17.72 -36.01
CA ASN A 234 25.82 -18.47 -36.46
C ASN A 234 26.93 -17.57 -36.84
N GLU A 235 28.06 -18.15 -37.16
CA GLU A 235 29.26 -17.40 -37.32
C GLU A 235 29.13 -16.45 -38.48
N ASP A 236 28.11 -16.63 -39.29
CA ASP A 236 27.82 -15.76 -40.42
C ASP A 236 26.76 -14.73 -40.15
N LEU A 237 26.33 -14.60 -38.91
CA LEU A 237 25.34 -13.62 -38.57
C LEU A 237 23.96 -14.10 -38.95
N VAL A 238 23.82 -15.39 -39.13
CA VAL A 238 22.60 -15.94 -39.62
C VAL A 238 21.75 -16.43 -38.47
N PRO A 239 20.52 -15.98 -38.39
CA PRO A 239 19.70 -16.29 -37.24
C PRO A 239 19.25 -17.70 -37.23
N ASN A 240 19.10 -18.25 -36.05
CA ASN A 240 18.58 -19.56 -35.90
C ASN A 240 17.20 -19.51 -36.52
N PRO A 241 16.78 -20.56 -37.17
CA PRO A 241 15.52 -20.52 -37.90
C PRO A 241 14.34 -20.26 -37.00
N ALA A 242 14.43 -20.70 -35.77
CA ALA A 242 13.34 -20.53 -34.84
C ALA A 242 13.04 -19.08 -34.59
N ILE A 243 14.04 -18.23 -34.69
CA ILE A 243 13.87 -16.83 -34.40
C ILE A 243 12.86 -16.25 -35.32
N GLU A 244 12.87 -16.69 -36.56
CA GLU A 244 11.94 -16.19 -37.56
C GLU A 244 10.50 -16.52 -37.27
N LYS A 245 10.27 -17.73 -36.82
CA LYS A 245 8.93 -18.12 -36.47
C LYS A 245 8.39 -17.32 -35.34
N CYS A 246 9.20 -17.13 -34.33
CA CYS A 246 8.80 -16.40 -33.16
C CYS A 246 8.49 -14.98 -33.44
N ALA A 247 9.27 -14.35 -34.27
CA ALA A 247 9.01 -13.00 -34.63
C ALA A 247 7.71 -12.90 -35.38
N GLU A 248 7.46 -13.88 -36.22
CA GLU A 248 6.26 -13.86 -37.01
C GLU A 248 5.02 -13.95 -36.14
N LYS A 249 5.05 -14.88 -35.22
CA LYS A 249 3.95 -15.02 -34.33
C LYS A 249 3.79 -13.74 -33.57
N TYR A 250 4.88 -13.14 -33.14
CA TYR A 250 4.79 -11.94 -32.35
C TYR A 250 4.12 -10.86 -33.16
N LYS A 251 4.44 -10.77 -34.43
CA LYS A 251 3.82 -9.79 -35.29
C LYS A 251 2.36 -10.12 -35.40
N ALA A 252 2.07 -11.40 -35.42
CA ALA A 252 0.71 -11.87 -35.48
C ALA A 252 -0.13 -11.50 -34.28
N LYS A 253 0.35 -11.79 -33.08
CA LYS A 253 -0.42 -11.45 -31.90
C LYS A 253 -0.63 -9.95 -31.81
N VAL A 254 0.39 -9.22 -32.18
CA VAL A 254 0.50 -7.83 -31.84
C VAL A 254 0.11 -6.99 -33.01
N GLY A 255 0.31 -5.70 -32.85
CA GLY A 255 0.07 -4.74 -33.90
C GLY A 255 0.45 -5.34 -35.24
N LYS A 256 1.73 -5.53 -35.46
CA LYS A 256 2.20 -6.24 -36.63
C LYS A 256 3.54 -6.86 -36.31
N GLU B 6 4.18 3.49 38.68
CA GLU B 6 4.20 3.86 40.05
C GLU B 6 3.53 2.79 40.89
N ASP B 7 2.27 3.02 41.20
CA ASP B 7 1.55 2.03 41.93
C ASP B 7 0.20 1.91 41.30
N ASN B 8 -0.58 2.97 41.36
CA ASN B 8 -1.97 2.91 40.92
C ASN B 8 -2.27 3.70 39.66
N TYR B 9 -2.30 3.00 38.56
CA TYR B 9 -2.44 3.59 37.26
C TYR B 9 -3.73 4.29 37.02
N ARG B 10 -4.80 3.79 37.59
CA ARG B 10 -6.08 4.44 37.48
C ARG B 10 -6.13 5.79 38.14
N THR B 11 -5.59 5.85 39.35
CA THR B 11 -5.49 7.10 40.04
C THR B 11 -4.55 8.07 39.41
N ILE B 12 -3.47 7.58 38.84
CA ILE B 12 -2.55 8.46 38.17
C ILE B 12 -3.27 9.16 37.03
N ALA B 13 -4.00 8.39 36.24
CA ALA B 13 -4.75 8.91 35.14
C ALA B 13 -5.85 9.87 35.53
N LEU B 14 -6.56 9.57 36.60
CA LEU B 14 -7.59 10.42 37.12
C LEU B 14 -7.04 11.75 37.58
N ALA B 15 -5.80 11.73 37.99
CA ALA B 15 -5.10 12.90 38.48
C ALA B 15 -4.85 13.91 37.42
N PHE B 16 -4.90 13.49 36.18
CA PHE B 16 -4.68 14.39 35.08
C PHE B 16 -5.82 15.36 34.93
N LEU B 17 -6.90 15.14 35.65
CA LEU B 17 -7.98 16.08 35.66
C LEU B 17 -7.52 17.42 36.19
N ASP B 18 -6.58 17.38 37.12
CA ASP B 18 -6.07 18.55 37.78
C ASP B 18 -4.73 19.01 37.30
N GLU B 19 -4.20 18.35 36.30
CA GLU B 19 -3.00 18.76 35.63
C GLU B 19 -3.28 19.97 34.78
N SER B 20 -2.31 20.85 34.65
CA SER B 20 -2.51 22.07 33.92
C SER B 20 -2.77 21.91 32.43
N ALA B 21 -3.62 22.76 31.91
CA ALA B 21 -3.83 22.86 30.49
C ALA B 21 -3.85 24.31 30.03
N ASP B 22 -2.70 24.94 29.90
CA ASP B 22 -2.66 26.33 29.43
C ASP B 22 -2.84 26.41 27.94
N SER B 23 -3.77 27.22 27.50
CA SER B 23 -4.05 27.33 26.09
C SER B 23 -2.88 27.87 25.39
N THR B 24 -2.23 28.84 26.00
CA THR B 24 -1.16 29.49 25.33
C THR B 24 -0.07 28.50 25.07
N THR B 25 0.31 27.78 26.09
CA THR B 25 1.29 26.73 25.89
C THR B 25 0.77 25.64 24.99
N ILE B 26 -0.50 25.30 25.08
CA ILE B 26 -1.04 24.30 24.19
C ILE B 26 -0.96 24.77 22.76
N ASN B 27 -1.44 25.96 22.52
CA ASN B 27 -1.48 26.46 21.19
C ASN B 27 -0.10 26.67 20.61
N ALA B 28 0.87 26.90 21.46
CA ALA B 28 2.24 26.95 21.03
C ALA B 28 2.69 25.62 20.47
N TRP B 29 2.29 24.53 21.09
CA TRP B 29 2.56 23.20 20.54
C TRP B 29 1.83 23.02 19.25
N VAL B 30 0.65 23.57 19.15
CA VAL B 30 -0.19 23.38 17.99
C VAL B 30 0.41 23.95 16.74
N ASN B 31 0.94 25.17 16.80
CA ASN B 31 1.59 25.71 15.63
C ASN B 31 2.88 25.06 15.19
N GLU B 32 3.62 24.51 16.14
CA GLU B 32 4.74 23.63 15.86
C GLU B 32 4.38 22.28 15.27
N PHE B 33 3.31 21.70 15.76
CA PHE B 33 2.73 20.47 15.22
C PHE B 33 2.01 20.61 13.90
N ALA B 34 1.44 21.77 13.67
CA ALA B 34 0.58 22.06 12.54
C ALA B 34 1.32 22.13 11.25
N TYR B 35 0.64 21.93 10.13
CA TYR B 35 1.28 22.15 8.86
C TYR B 35 1.70 23.59 8.56
N GLN B 36 0.79 24.52 8.68
CA GLN B 36 1.15 25.92 8.74
C GLN B 36 1.37 26.63 7.42
N GLY B 37 1.61 25.88 6.35
CA GLY B 37 1.44 26.42 5.02
C GLY B 37 2.37 27.55 4.64
N PHE B 38 2.03 28.28 3.60
CA PHE B 38 2.91 29.34 3.14
C PHE B 38 2.20 30.48 2.46
N ASP B 39 2.86 31.61 2.44
CA ASP B 39 2.34 32.77 1.77
C ASP B 39 3.08 33.00 0.44
N PRO B 40 2.36 33.01 -0.64
CA PRO B 40 2.96 33.06 -1.94
C PRO B 40 3.73 34.31 -2.13
N LYS B 41 3.24 35.39 -1.60
CA LYS B 41 3.85 36.68 -1.77
C LYS B 41 5.23 36.60 -1.21
N ARG B 42 5.32 35.88 -0.11
CA ARG B 42 6.54 35.66 0.59
C ARG B 42 7.53 34.90 -0.24
N ILE B 43 7.07 33.89 -0.95
CA ILE B 43 7.96 33.11 -1.76
C ILE B 43 8.55 33.96 -2.82
N VAL B 44 7.74 34.82 -3.43
CA VAL B 44 8.23 35.69 -4.48
C VAL B 44 9.29 36.61 -3.96
N GLN B 45 9.08 37.11 -2.74
CA GLN B 45 10.01 38.04 -2.19
C GLN B 45 11.35 37.39 -1.95
N LEU B 46 11.35 36.15 -1.54
CA LEU B 46 12.57 35.45 -1.27
C LEU B 46 13.29 34.99 -2.50
N VAL B 47 12.58 34.56 -3.53
CA VAL B 47 13.24 34.16 -4.76
C VAL B 47 14.07 35.30 -5.27
N LYS B 48 13.45 36.45 -5.47
CA LYS B 48 14.15 37.68 -5.81
C LYS B 48 14.82 37.96 -4.52
N GLU B 49 15.84 38.78 -4.47
CA GLU B 49 16.60 39.02 -3.22
C GLU B 49 17.66 37.96 -3.11
N ARG B 50 17.27 36.78 -2.64
CA ARG B 50 18.18 35.64 -2.54
C ARG B 50 18.91 35.51 -3.85
N GLY B 51 18.17 35.38 -4.93
CA GLY B 51 18.78 35.34 -6.22
C GLY B 51 19.51 36.62 -6.48
N THR B 52 18.88 37.69 -6.07
CA THR B 52 19.35 38.99 -6.45
C THR B 52 20.61 39.36 -5.68
N ALA B 53 20.69 38.83 -4.48
CA ALA B 53 21.85 39.00 -3.63
C ALA B 53 23.01 38.43 -4.39
N LYS B 54 22.74 37.31 -5.02
CA LYS B 54 23.69 36.65 -5.88
C LYS B 54 23.66 37.31 -7.22
N GLY B 55 24.61 36.96 -8.07
CA GLY B 55 24.73 37.59 -9.37
C GLY B 55 23.55 37.24 -10.23
N ARG B 56 22.73 36.33 -9.72
CA ARG B 56 21.85 35.48 -10.49
C ARG B 56 20.83 36.26 -11.29
N ASP B 57 20.49 35.70 -12.45
CA ASP B 57 19.39 36.15 -13.25
C ASP B 57 18.24 35.36 -12.75
N TRP B 58 17.63 35.86 -11.69
CA TRP B 58 16.65 35.13 -10.94
C TRP B 58 15.43 34.79 -11.70
N LYS B 59 15.14 35.53 -12.74
CA LYS B 59 13.96 35.25 -13.49
C LYS B 59 14.10 33.89 -14.16
N LYS B 60 15.27 33.61 -14.65
CA LYS B 60 15.57 32.36 -15.30
C LYS B 60 15.41 31.24 -14.33
N ASP B 61 15.91 31.47 -13.13
CA ASP B 61 15.99 30.44 -12.16
C ASP B 61 14.60 29.96 -11.94
N VAL B 62 13.66 30.88 -11.95
CA VAL B 62 12.34 30.50 -11.64
C VAL B 62 11.80 29.50 -12.61
N LYS B 63 11.99 29.71 -13.89
CA LYS B 63 11.53 28.78 -14.92
C LYS B 63 12.24 27.43 -14.86
N MET B 64 13.52 27.48 -14.60
CA MET B 64 14.28 26.30 -14.49
C MET B 64 13.75 25.52 -13.31
N MET B 65 13.48 26.21 -12.23
CA MET B 65 12.96 25.55 -11.07
C MET B 65 11.61 24.93 -11.32
N ILE B 66 10.74 25.62 -12.00
CA ILE B 66 9.42 25.10 -12.30
C ILE B 66 9.51 23.88 -13.16
N VAL B 67 10.41 23.90 -14.12
CA VAL B 67 10.55 22.78 -15.01
C VAL B 67 10.98 21.62 -14.18
N LEU B 68 11.97 21.84 -13.36
CA LEU B 68 12.52 20.79 -12.59
C LEU B 68 11.41 20.23 -11.78
N ASN B 69 10.61 21.09 -11.19
CA ASN B 69 9.55 20.65 -10.35
C ASN B 69 8.54 19.88 -11.09
N LEU B 70 8.21 20.38 -12.25
CA LEU B 70 7.10 19.85 -12.96
C LEU B 70 7.36 18.42 -13.34
N VAL B 71 8.56 18.14 -13.79
CA VAL B 71 8.82 16.80 -14.25
C VAL B 71 9.52 15.91 -13.23
N ASP B 72 10.54 16.43 -12.58
CA ASP B 72 11.16 15.73 -11.48
C ASP B 72 10.47 15.57 -10.12
N GLY B 73 9.79 16.59 -9.63
CA GLY B 73 9.21 16.48 -8.31
C GLY B 73 9.83 17.43 -7.33
N ASN B 74 9.54 17.24 -6.05
CA ASN B 74 9.90 18.20 -5.05
C ASN B 74 11.12 17.95 -4.17
N GLU B 75 11.81 16.84 -4.34
CA GLU B 75 12.99 16.63 -3.53
C GLU B 75 14.20 16.90 -4.36
N PRO B 76 14.82 18.05 -4.20
CA PRO B 76 15.96 18.40 -5.02
C PRO B 76 17.16 17.49 -4.83
N GLU B 77 17.49 17.09 -3.63
CA GLU B 77 18.70 16.33 -3.43
C GLU B 77 18.67 14.98 -4.12
N SER B 78 17.54 14.31 -4.07
CA SER B 78 17.41 13.05 -4.76
C SER B 78 17.60 13.30 -6.24
N MET B 79 17.09 14.42 -6.71
CA MET B 79 17.07 14.70 -8.11
C MET B 79 18.48 14.69 -8.64
N MET B 80 19.42 15.25 -7.89
CA MET B 80 20.77 15.42 -8.37
C MET B 80 21.36 14.08 -8.66
N LYS B 81 21.00 13.12 -7.85
CA LYS B 81 21.56 11.80 -7.97
C LYS B 81 21.24 11.22 -9.32
N GLU B 82 20.06 11.49 -9.84
CA GLU B 82 19.58 10.76 -11.00
C GLU B 82 19.91 11.31 -12.34
N MET B 83 20.65 12.39 -12.41
CA MET B 83 20.68 13.15 -13.63
C MET B 83 22.04 13.36 -14.22
N SER B 84 22.09 14.14 -15.27
CA SER B 84 23.31 14.44 -15.98
C SER B 84 24.19 15.21 -15.05
N GLU B 85 25.48 15.21 -15.28
CA GLU B 85 26.36 16.01 -14.46
C GLU B 85 26.13 17.49 -14.63
N LYS B 86 25.83 17.90 -15.85
CA LYS B 86 25.49 19.28 -16.08
C LYS B 86 24.23 19.65 -15.36
N GLY B 87 23.20 18.85 -15.53
CA GLY B 87 21.94 19.20 -14.96
C GLY B 87 22.10 19.33 -13.47
N ALA B 88 22.85 18.41 -12.88
CA ALA B 88 23.06 18.38 -11.45
C ALA B 88 23.81 19.61 -11.02
N ALA B 89 24.68 20.07 -11.89
CA ALA B 89 25.52 21.18 -11.59
C ALA B 89 24.64 22.38 -11.38
N ILE B 90 23.64 22.51 -12.23
CA ILE B 90 22.72 23.60 -12.18
C ILE B 90 21.93 23.58 -10.90
N VAL B 91 21.37 22.43 -10.64
CA VAL B 91 20.50 22.27 -9.52
C VAL B 91 21.29 22.64 -8.32
N THR B 92 22.56 22.30 -8.36
CA THR B 92 23.40 22.52 -7.23
C THR B 92 23.34 23.97 -6.96
N GLN B 93 23.39 24.74 -8.04
CA GLN B 93 23.45 26.16 -7.92
C GLN B 93 22.20 26.74 -7.32
N LEU B 94 21.05 26.24 -7.72
CA LEU B 94 19.85 26.79 -7.19
C LEU B 94 19.80 26.57 -5.72
N ILE B 95 20.12 25.36 -5.31
CA ILE B 95 19.89 24.98 -3.96
C ILE B 95 20.65 25.83 -2.98
N SER B 96 21.90 26.11 -3.25
CA SER B 96 22.62 26.96 -2.34
C SER B 96 22.02 28.34 -2.32
N THR B 97 21.79 28.89 -3.49
CA THR B 97 21.34 30.26 -3.61
C THR B 97 19.96 30.49 -3.04
N TYR B 98 19.01 29.64 -3.34
CA TYR B 98 17.67 29.79 -2.80
C TYR B 98 17.40 28.95 -1.60
N GLN B 99 18.42 28.24 -1.13
CA GLN B 99 18.28 27.52 0.10
C GLN B 99 17.09 26.59 0.10
N LEU B 100 16.94 25.81 -0.95
CA LEU B 100 15.79 24.96 -1.14
C LEU B 100 15.74 23.74 -0.25
N LYS B 101 14.54 23.27 0.03
CA LYS B 101 14.32 22.17 0.93
C LYS B 101 13.20 21.40 0.30
N GLU B 102 12.88 20.21 0.78
CA GLU B 102 11.64 19.56 0.40
C GLU B 102 10.69 19.45 1.58
N GLY B 103 11.26 19.35 2.77
CA GLY B 103 10.57 19.49 4.04
C GLY B 103 11.69 19.82 4.98
N ASN B 104 11.44 20.28 6.20
CA ASN B 104 10.16 20.68 6.70
C ASN B 104 10.00 22.10 6.28
N PRO B 105 8.95 22.33 5.40
CA PRO B 105 8.81 23.73 5.02
C PRO B 105 8.60 24.66 6.21
N GLY B 106 9.30 25.80 6.25
CA GLY B 106 9.17 26.74 7.33
C GLY B 106 8.68 28.13 6.95
N ARG B 107 7.42 28.23 6.56
CA ARG B 107 6.83 29.47 6.07
C ARG B 107 7.80 30.40 5.37
N ASP B 108 9.03 30.43 5.81
CA ASP B 108 10.01 31.16 5.05
C ASP B 108 10.94 30.22 4.31
N THR B 109 10.43 29.04 4.01
CA THR B 109 11.20 28.02 3.36
C THR B 109 10.76 27.82 1.91
N ILE B 110 11.71 27.93 1.00
CA ILE B 110 11.44 27.80 -0.42
C ILE B 110 11.57 26.38 -0.87
N THR B 111 10.54 25.86 -1.50
CA THR B 111 10.54 24.54 -2.10
C THR B 111 10.02 24.68 -3.52
N LEU B 112 10.42 23.79 -4.39
CA LEU B 112 10.14 23.91 -5.79
C LEU B 112 8.68 23.94 -6.04
N SER B 113 7.94 23.14 -5.32
CA SER B 113 6.53 23.09 -5.51
C SER B 113 5.98 24.42 -5.12
N ARG B 114 6.64 25.04 -4.16
CA ARG B 114 6.23 26.33 -3.72
C ARG B 114 6.42 27.33 -4.80
N VAL B 115 7.54 27.22 -5.48
CA VAL B 115 7.88 28.13 -6.53
C VAL B 115 6.88 28.01 -7.65
N SER B 116 6.47 26.82 -7.93
CA SER B 116 5.53 26.61 -8.97
C SER B 116 4.22 27.25 -8.67
N ALA B 117 3.80 27.16 -7.43
CA ALA B 117 2.55 27.73 -7.03
C ALA B 117 2.57 29.24 -7.09
N ALA B 118 3.64 29.82 -6.60
CA ALA B 118 3.81 31.25 -6.50
C ALA B 118 3.91 31.93 -7.85
N PHE B 119 4.54 31.26 -8.78
CA PHE B 119 4.79 31.77 -10.08
C PHE B 119 3.95 31.05 -11.07
N VAL B 120 2.77 30.68 -10.66
CA VAL B 120 1.90 29.83 -11.43
C VAL B 120 1.57 30.44 -12.78
N PRO B 121 1.69 31.75 -12.95
CA PRO B 121 1.44 32.30 -14.27
C PRO B 121 2.38 31.80 -15.32
N TRP B 122 3.63 31.64 -14.99
CA TRP B 122 4.52 30.91 -15.86
C TRP B 122 4.17 29.45 -15.96
N THR B 123 3.79 28.86 -14.84
CA THR B 123 3.71 27.45 -14.75
C THR B 123 2.73 27.00 -15.77
N VAL B 124 1.63 27.71 -15.88
CA VAL B 124 0.60 27.35 -16.82
C VAL B 124 1.02 27.49 -18.25
N GLN B 125 1.97 28.36 -18.51
CA GLN B 125 2.57 28.43 -19.83
C GLN B 125 3.43 27.24 -20.17
N ALA B 126 4.24 26.83 -19.22
CA ALA B 126 5.17 25.76 -19.43
C ALA B 126 4.52 24.38 -19.54
N LEU B 127 3.32 24.27 -19.04
CA LEU B 127 2.68 22.98 -18.96
C LEU B 127 2.54 22.44 -20.34
N LYS B 128 2.25 23.32 -21.26
CA LYS B 128 1.96 22.91 -22.61
C LYS B 128 3.14 22.24 -23.31
N THR B 129 4.30 22.84 -23.19
CA THR B 129 5.45 22.37 -23.92
C THR B 129 5.90 21.00 -23.51
N LEU B 130 5.53 20.58 -22.30
CA LEU B 130 6.08 19.39 -21.71
C LEU B 130 5.10 18.37 -21.13
N SER B 131 3.92 18.29 -21.71
CA SER B 131 2.89 17.46 -21.14
C SER B 131 3.28 15.99 -21.08
N GLU B 132 3.87 15.51 -22.14
CA GLU B 132 4.25 14.12 -22.18
C GLU B 132 5.46 13.79 -21.33
N SER B 133 6.16 14.80 -20.86
CA SER B 133 7.28 14.56 -19.98
C SER B 133 6.83 14.55 -18.53
N LEU B 134 5.54 14.74 -18.33
CA LEU B 134 4.99 14.77 -17.00
C LEU B 134 4.78 13.37 -16.40
N PRO B 135 4.68 13.30 -15.09
CA PRO B 135 4.52 12.04 -14.38
C PRO B 135 3.22 11.44 -14.81
N VAL B 136 2.33 12.29 -15.27
CA VAL B 136 1.13 11.86 -15.97
C VAL B 136 1.09 12.70 -17.22
N THR B 137 0.58 12.16 -18.32
CA THR B 137 0.69 12.82 -19.61
C THR B 137 -0.64 13.26 -20.07
N GLY B 138 -0.65 14.19 -21.01
CA GLY B 138 -1.90 14.71 -21.51
C GLY B 138 -2.64 13.55 -22.08
N THR B 139 -1.90 12.80 -22.87
CA THR B 139 -2.38 11.61 -23.51
C THR B 139 -2.94 10.65 -22.47
N THR B 140 -2.12 10.26 -21.51
CA THR B 140 -2.61 9.51 -20.37
C THR B 140 -3.88 10.11 -19.84
N MET B 141 -4.09 11.38 -20.12
CA MET B 141 -5.14 12.14 -19.51
C MET B 141 -6.27 12.37 -20.47
N ASP B 142 -5.96 12.62 -21.73
CA ASP B 142 -7.02 12.68 -22.74
C ASP B 142 -7.74 11.34 -22.77
N SER B 143 -7.07 10.33 -22.27
CA SER B 143 -7.60 9.00 -22.26
C SER B 143 -8.70 9.06 -21.26
N ILE B 144 -8.30 9.11 -20.01
CA ILE B 144 -9.21 9.25 -18.89
C ILE B 144 -10.36 10.16 -19.21
N ALA B 145 -10.02 11.29 -19.83
CA ALA B 145 -10.98 12.31 -20.16
C ALA B 145 -11.62 12.02 -21.49
N GLY B 146 -12.68 12.75 -21.83
CA GLY B 146 -13.36 12.52 -23.06
C GLY B 146 -12.65 13.17 -24.23
N THR B 147 -12.14 14.36 -24.01
CA THR B 147 -11.56 15.18 -25.07
C THR B 147 -10.17 15.51 -24.66
N THR B 148 -9.61 16.52 -25.29
CA THR B 148 -8.31 17.01 -24.88
C THR B 148 -8.38 17.74 -23.54
N TYR B 149 -7.57 17.30 -22.61
CA TYR B 149 -7.60 17.85 -21.28
C TYR B 149 -6.56 18.93 -21.14
N PRO B 150 -6.96 20.13 -20.79
CA PRO B 150 -6.07 21.27 -20.99
C PRO B 150 -4.83 21.09 -20.19
N ARG B 151 -3.71 21.20 -20.86
CA ARG B 151 -2.46 20.92 -20.22
C ARG B 151 -2.27 21.90 -19.11
N CYS B 152 -2.88 23.06 -19.26
CA CYS B 152 -2.69 24.18 -18.36
C CYS B 152 -3.12 23.86 -16.95
N MET B 153 -4.16 23.06 -16.84
CA MET B 153 -4.61 22.56 -15.57
C MET B 153 -3.77 21.49 -14.91
N MET B 154 -2.90 20.86 -15.63
CA MET B 154 -2.34 19.64 -15.09
C MET B 154 -1.16 19.80 -14.18
N HIS B 155 -1.33 20.60 -13.16
CA HIS B 155 -0.43 20.58 -12.06
C HIS B 155 -1.25 21.10 -10.94
N PRO B 156 -0.83 20.84 -9.71
CA PRO B 156 -1.60 21.31 -8.57
C PRO B 156 -1.59 22.83 -8.58
N SER B 157 -0.53 23.36 -9.11
CA SER B 157 -0.23 24.76 -9.03
C SER B 157 -1.40 25.51 -9.59
N PHE B 158 -2.18 24.82 -10.39
CA PHE B 158 -3.29 25.40 -11.08
C PHE B 158 -4.30 25.92 -10.12
N ALA B 159 -4.39 25.30 -8.98
CA ALA B 159 -5.45 25.58 -8.04
C ALA B 159 -5.36 27.01 -7.64
N GLY B 160 -4.16 27.52 -7.67
CA GLY B 160 -3.88 28.87 -7.27
C GLY B 160 -4.61 29.93 -8.05
N ILE B 161 -5.07 29.64 -9.24
CA ILE B 161 -5.72 30.65 -10.07
C ILE B 161 -7.20 30.46 -10.30
N ILE B 162 -7.86 29.74 -9.43
CA ILE B 162 -9.25 29.41 -9.64
C ILE B 162 -10.15 30.27 -8.79
N ASP B 163 -11.13 30.92 -9.40
CA ASP B 163 -12.03 31.77 -8.66
C ASP B 163 -13.37 31.11 -8.48
N LEU B 164 -13.62 30.66 -7.26
CA LEU B 164 -14.82 29.95 -6.96
C LEU B 164 -16.00 30.85 -7.16
N GLU B 165 -15.76 32.12 -6.89
CA GLU B 165 -16.74 33.20 -6.85
C GLU B 165 -17.24 33.51 -8.25
N LEU B 166 -16.63 32.83 -9.18
CA LEU B 166 -16.94 32.96 -10.55
C LEU B 166 -18.37 32.52 -10.69
N PRO B 167 -19.10 33.21 -11.53
CA PRO B 167 -20.51 32.97 -11.66
C PRO B 167 -20.78 31.59 -12.21
N ASN B 168 -21.94 31.03 -11.85
CA ASN B 168 -22.37 29.74 -12.35
C ASN B 168 -21.45 28.67 -11.89
N ASN B 169 -20.82 28.90 -10.76
CA ASN B 169 -19.95 27.93 -10.17
C ASN B 169 -18.95 27.40 -11.18
N THR B 170 -18.76 28.17 -12.22
CA THR B 170 -17.78 27.84 -13.22
C THR B 170 -16.43 27.69 -12.56
N GLY B 171 -16.30 28.18 -11.36
CA GLY B 171 -15.10 27.98 -10.60
C GLY B 171 -15.22 26.67 -9.91
N ALA B 172 -16.43 26.31 -9.56
CA ALA B 172 -16.66 25.07 -8.88
C ALA B 172 -16.28 24.02 -9.85
N MET B 173 -16.75 24.21 -11.06
CA MET B 173 -16.43 23.31 -12.13
C MET B 173 -14.94 23.09 -12.18
N LEU B 174 -14.23 24.19 -12.31
CA LEU B 174 -12.82 24.14 -12.51
C LEU B 174 -12.10 23.42 -11.41
N ALA B 175 -12.69 23.37 -10.25
CA ALA B 175 -12.06 22.72 -9.12
C ALA B 175 -12.10 21.24 -9.31
N ASP B 176 -13.20 20.78 -9.88
CA ASP B 176 -13.44 19.37 -10.09
C ASP B 176 -12.50 18.78 -11.16
N ALA B 177 -12.60 19.32 -12.36
CA ALA B 177 -11.69 18.97 -13.42
C ALA B 177 -10.25 18.95 -12.93
N HIS B 178 -9.85 19.90 -12.14
CA HIS B 178 -8.48 19.89 -11.69
C HIS B 178 -8.20 18.61 -10.88
N GLY B 179 -9.16 18.16 -10.10
CA GLY B 179 -8.99 17.03 -9.22
C GLY B 179 -8.71 15.77 -10.00
N LEU B 180 -9.32 15.73 -11.15
CA LEU B 180 -9.32 14.58 -12.00
C LEU B 180 -7.88 14.29 -12.29
N PHE B 181 -7.16 15.32 -12.66
CA PHE B 181 -5.75 15.20 -12.81
C PHE B 181 -5.20 14.90 -11.43
N MET B 182 -5.80 15.53 -10.44
CA MET B 182 -5.23 15.54 -9.12
C MET B 182 -5.13 14.17 -8.49
N LEU B 183 -6.15 13.36 -8.65
CA LEU B 183 -6.10 12.06 -8.04
C LEU B 183 -4.95 11.30 -8.65
N GLU B 184 -4.80 11.45 -9.96
CA GLU B 184 -3.81 10.70 -10.68
C GLU B 184 -2.43 11.06 -10.17
N PHE B 185 -2.25 12.33 -9.86
CA PHE B 185 -0.99 12.90 -9.43
C PHE B 185 -0.44 12.39 -8.10
N SER B 186 -1.34 12.28 -7.13
CA SER B 186 -0.99 11.86 -5.76
C SER B 186 -0.46 10.45 -5.62
N LYS B 187 -1.01 9.51 -6.35
CA LYS B 187 -0.58 8.15 -6.12
C LYS B 187 0.91 8.16 -6.37
N THR B 188 1.24 8.90 -7.40
CA THR B 188 2.57 9.06 -7.88
C THR B 188 3.53 9.68 -6.91
N ILE B 189 3.12 10.77 -6.32
CA ILE B 189 3.96 11.42 -5.33
C ILE B 189 4.14 10.42 -4.19
N ASN B 190 3.04 9.76 -3.86
CA ASN B 190 3.06 8.62 -3.00
C ASN B 190 2.57 7.41 -3.77
N PRO B 191 3.25 6.29 -3.63
CA PRO B 191 2.78 5.04 -4.21
C PRO B 191 1.83 4.35 -3.26
N SER B 192 1.81 4.83 -2.04
CA SER B 192 0.88 4.32 -1.05
C SER B 192 -0.57 4.57 -1.42
N LEU B 193 -0.86 5.73 -1.97
CA LEU B 193 -2.22 6.05 -2.31
C LEU B 193 -2.73 5.18 -3.41
N ARG B 194 -1.82 4.60 -4.15
CA ARG B 194 -2.19 3.94 -5.37
C ARG B 194 -3.20 2.90 -5.02
N THR B 195 -2.95 2.32 -3.87
CA THR B 195 -3.78 1.32 -3.25
C THR B 195 -5.16 1.84 -2.82
N LYS B 196 -5.25 3.13 -2.51
CA LYS B 196 -6.42 3.73 -1.88
C LYS B 196 -7.67 4.02 -2.72
N GLN B 197 -8.77 4.21 -2.03
CA GLN B 197 -10.01 4.57 -2.65
C GLN B 197 -9.83 5.97 -3.17
N PRO B 198 -10.61 6.42 -4.13
CA PRO B 198 -10.34 7.72 -4.75
C PRO B 198 -10.64 8.85 -3.80
N ASN B 199 -11.57 8.59 -2.91
CA ASN B 199 -11.84 9.47 -1.84
C ASN B 199 -10.65 9.75 -0.94
N GLU B 200 -10.12 8.74 -0.27
CA GLU B 200 -9.04 8.99 0.69
C GLU B 200 -7.85 9.61 0.04
N ILE B 201 -7.76 9.54 -1.26
CA ILE B 201 -6.67 10.15 -1.95
C ILE B 201 -7.07 11.59 -2.09
N ALA B 202 -8.26 11.78 -2.63
CA ALA B 202 -8.81 13.09 -2.82
C ALA B 202 -8.63 13.93 -1.58
N ALA B 203 -9.03 13.37 -0.47
CA ALA B 203 -8.93 14.08 0.77
C ALA B 203 -7.54 13.99 1.34
N THR B 204 -6.57 13.87 0.45
CA THR B 204 -5.16 13.97 0.80
C THR B 204 -4.60 15.27 0.21
N PHE B 205 -5.38 15.85 -0.70
CA PHE B 205 -5.03 17.11 -1.34
C PHE B 205 -5.99 18.30 -1.13
N GLU B 206 -7.20 18.05 -0.67
CA GLU B 206 -8.17 19.10 -0.51
C GLU B 206 -7.72 20.18 0.42
N LYS B 207 -7.02 19.79 1.45
CA LYS B 207 -6.66 20.66 2.54
C LYS B 207 -5.75 21.77 2.07
N PRO B 208 -4.83 21.48 1.18
CA PRO B 208 -4.00 22.52 0.61
C PRO B 208 -4.56 23.04 -0.68
N ASN B 209 -5.36 22.26 -1.36
CA ASN B 209 -5.95 22.77 -2.57
C ASN B 209 -6.86 23.90 -2.25
N MET B 210 -7.58 23.79 -1.14
CA MET B 210 -8.42 24.89 -0.74
C MET B 210 -7.61 26.09 -0.37
N ALA B 211 -6.53 25.85 0.33
CA ALA B 211 -5.67 26.88 0.83
C ALA B 211 -5.12 27.70 -0.31
N ALA B 212 -4.77 27.05 -1.41
CA ALA B 212 -4.41 27.72 -2.64
C ALA B 212 -5.54 28.47 -3.37
N MET B 213 -6.71 27.86 -3.47
CA MET B 213 -7.87 28.46 -4.12
C MET B 213 -8.46 29.68 -3.45
N THR B 214 -8.44 29.67 -2.12
CA THR B 214 -9.03 30.73 -1.35
C THR B 214 -8.00 31.69 -0.87
N GLY B 215 -6.81 31.53 -1.39
CA GLY B 215 -5.74 32.45 -1.11
C GLY B 215 -5.97 33.81 -1.72
N ARG B 216 -5.47 34.83 -1.06
CA ARG B 216 -5.77 36.17 -1.47
C ARG B 216 -4.62 36.80 -2.17
N PHE B 217 -3.70 35.99 -2.64
CA PHE B 217 -2.56 36.49 -3.36
C PHE B 217 -2.96 37.14 -4.66
N PHE B 218 -3.86 36.52 -5.37
CA PHE B 218 -4.30 37.04 -6.61
C PHE B 218 -5.70 37.48 -6.41
N THR B 219 -6.05 38.60 -7.01
CA THR B 219 -7.38 39.11 -6.94
C THR B 219 -8.27 38.36 -7.87
N ARG B 220 -9.57 38.52 -7.70
CA ARG B 220 -10.52 37.83 -8.51
C ARG B 220 -10.28 38.29 -9.93
N ASP B 221 -9.99 39.55 -10.09
CA ASP B 221 -9.70 40.09 -11.38
C ASP B 221 -8.48 39.49 -11.99
N ASP B 222 -7.45 39.24 -11.22
CA ASP B 222 -6.26 38.66 -11.75
C ASP B 222 -6.52 37.27 -12.30
N LYS B 223 -7.29 36.52 -11.56
CA LYS B 223 -7.63 35.17 -11.91
C LYS B 223 -8.40 35.14 -13.17
N LYS B 224 -9.30 36.07 -13.33
CA LYS B 224 -10.07 36.17 -14.55
C LYS B 224 -9.19 36.44 -15.74
N LYS B 225 -8.22 37.32 -15.59
CA LYS B 225 -7.28 37.60 -16.65
C LYS B 225 -6.43 36.43 -17.03
N LEU B 226 -5.93 35.70 -16.06
CA LEU B 226 -5.17 34.50 -16.36
C LEU B 226 -6.00 33.40 -17.01
N LEU B 227 -7.19 33.16 -16.53
CA LEU B 227 -8.01 32.10 -17.05
C LEU B 227 -8.39 32.34 -18.48
N ILE B 228 -8.66 33.56 -18.84
CA ILE B 228 -8.85 33.89 -20.22
C ILE B 228 -7.60 33.72 -21.08
N ALA B 229 -6.47 34.06 -20.53
CA ALA B 229 -5.22 34.00 -21.26
C ALA B 229 -4.86 32.58 -21.65
N ILE B 230 -5.16 31.65 -20.77
CA ILE B 230 -4.76 30.31 -21.01
C ILE B 230 -5.77 29.56 -21.80
N GLY B 231 -6.90 30.18 -22.04
CA GLY B 231 -7.93 29.58 -22.84
C GLY B 231 -8.99 28.84 -22.07
N VAL B 232 -8.90 28.87 -20.77
CA VAL B 232 -9.93 28.30 -19.95
C VAL B 232 -11.25 28.99 -20.09
N LEU B 233 -11.28 30.30 -20.33
CA LEU B 233 -12.54 31.04 -20.45
C LEU B 233 -12.64 31.94 -21.66
N ASN B 234 -13.83 32.09 -22.20
CA ASN B 234 -14.03 32.88 -23.41
C ASN B 234 -13.84 34.37 -23.33
N GLU B 235 -14.43 34.97 -22.30
CA GLU B 235 -14.44 36.42 -22.10
C GLU B 235 -15.75 36.75 -21.51
N ASP B 236 -16.77 36.02 -21.91
CA ASP B 236 -18.01 36.12 -21.20
C ASP B 236 -17.89 35.38 -19.88
N LEU B 237 -16.71 34.85 -19.64
CA LEU B 237 -16.52 33.99 -18.51
C LEU B 237 -17.30 32.72 -18.68
N VAL B 238 -17.45 32.27 -19.91
CA VAL B 238 -18.06 30.97 -20.15
C VAL B 238 -16.97 30.05 -20.62
N PRO B 239 -16.74 28.95 -19.93
CA PRO B 239 -15.57 28.13 -20.22
C PRO B 239 -15.81 27.23 -21.37
N ASN B 240 -14.75 26.65 -21.93
CA ASN B 240 -14.82 25.73 -23.06
C ASN B 240 -15.97 24.82 -22.97
N PRO B 241 -16.01 23.89 -23.89
CA PRO B 241 -16.78 22.67 -23.74
C PRO B 241 -15.87 21.64 -23.12
N ALA B 242 -14.65 21.56 -23.61
CA ALA B 242 -13.72 20.54 -23.16
C ALA B 242 -13.62 20.41 -21.66
N ILE B 243 -14.30 21.27 -20.93
CA ILE B 243 -14.08 21.39 -19.52
C ILE B 243 -15.37 21.02 -18.80
N GLU B 244 -16.50 21.41 -19.38
CA GLU B 244 -17.78 20.97 -18.85
C GLU B 244 -17.74 19.47 -18.91
N LYS B 245 -17.47 19.01 -20.13
CA LYS B 245 -17.21 17.62 -20.43
C LYS B 245 -16.29 17.05 -19.38
N CYS B 246 -15.04 17.44 -19.46
CA CYS B 246 -14.07 17.06 -18.46
C CYS B 246 -14.64 17.31 -17.07
N ALA B 247 -13.95 16.81 -16.06
CA ALA B 247 -14.34 17.03 -14.66
C ALA B 247 -15.80 16.67 -14.40
N GLU B 248 -16.71 16.85 -15.35
CA GLU B 248 -18.07 16.32 -15.17
C GLU B 248 -17.93 14.86 -14.82
N LYS B 249 -17.05 14.24 -15.55
CA LYS B 249 -16.71 12.88 -15.28
C LYS B 249 -16.09 12.84 -13.91
N TYR B 250 -15.55 13.98 -13.47
CA TYR B 250 -14.92 14.06 -12.15
C TYR B 250 -15.95 14.02 -11.04
N LYS B 251 -16.31 12.82 -10.61
CA LYS B 251 -17.30 12.64 -9.54
C LYS B 251 -17.29 11.21 -9.02
N ALA B 252 -17.67 10.28 -9.88
CA ALA B 252 -17.71 8.87 -9.50
C ALA B 252 -16.32 8.34 -9.20
N LYS B 253 -15.87 8.51 -7.96
CA LYS B 253 -14.54 8.06 -7.55
C LYS B 253 -13.86 8.99 -6.58
N GLU C 6 1.98 -48.44 8.35
CA GLU C 6 0.58 -48.80 8.57
C GLU C 6 -0.16 -47.70 9.26
N ASP C 7 -1.18 -47.20 8.57
CA ASP C 7 -2.02 -46.13 9.03
C ASP C 7 -2.37 -45.35 7.78
N ASN C 8 -3.65 -45.21 7.47
CA ASN C 8 -3.97 -44.37 6.35
C ASN C 8 -4.29 -42.96 6.77
N TYR C 9 -3.33 -42.06 6.60
CA TYR C 9 -3.52 -40.63 6.57
C TYR C 9 -4.29 -40.57 5.34
N ARG C 10 -5.18 -39.62 5.21
CA ARG C 10 -6.17 -39.66 4.18
C ARG C 10 -7.43 -40.11 4.84
N THR C 11 -7.51 -41.39 5.08
CA THR C 11 -8.65 -41.97 5.71
C THR C 11 -8.76 -41.34 7.09
N ILE C 12 -7.65 -41.14 7.75
CA ILE C 12 -7.68 -40.57 9.06
C ILE C 12 -8.24 -39.17 8.97
N ALA C 13 -7.80 -38.45 7.96
CA ALA C 13 -8.30 -37.14 7.65
C ALA C 13 -9.74 -37.13 7.23
N LEU C 14 -10.13 -38.09 6.43
CA LEU C 14 -11.49 -38.21 5.96
C LEU C 14 -12.44 -38.45 7.10
N ALA C 15 -11.95 -39.11 8.11
CA ALA C 15 -12.70 -39.38 9.29
C ALA C 15 -13.05 -38.15 10.08
N PHE C 16 -12.47 -37.03 9.72
CA PHE C 16 -12.75 -35.81 10.44
C PHE C 16 -14.02 -35.17 10.00
N LEU C 17 -14.59 -35.71 8.95
CA LEU C 17 -15.89 -35.29 8.47
C LEU C 17 -16.95 -35.54 9.52
N ASP C 18 -16.86 -36.63 10.26
CA ASP C 18 -17.77 -36.80 11.36
C ASP C 18 -17.17 -36.73 12.73
N GLU C 19 -16.00 -36.15 12.87
CA GLU C 19 -15.54 -35.79 14.19
C GLU C 19 -16.38 -34.62 14.57
N SER C 20 -16.68 -34.50 15.85
CA SER C 20 -17.69 -33.57 16.31
C SER C 20 -17.35 -32.11 16.15
N ALA C 21 -18.34 -31.34 15.74
CA ALA C 21 -18.16 -29.94 15.45
C ALA C 21 -19.15 -29.17 16.27
N ASP C 22 -18.75 -28.90 17.51
CA ASP C 22 -19.60 -28.61 18.67
C ASP C 22 -19.87 -27.10 18.89
N SER C 23 -20.96 -26.61 18.32
CA SER C 23 -21.11 -25.21 18.09
C SER C 23 -20.82 -24.46 19.34
N THR C 24 -21.38 -24.90 20.44
CA THR C 24 -21.10 -24.28 21.71
C THR C 24 -19.67 -24.49 22.19
N THR C 25 -19.13 -25.68 21.93
CA THR C 25 -17.77 -26.01 22.34
C THR C 25 -16.77 -25.16 21.56
N ILE C 26 -17.03 -25.00 20.28
CA ILE C 26 -16.20 -24.19 19.42
C ILE C 26 -16.30 -22.76 19.90
N ASN C 27 -17.53 -22.30 19.97
CA ASN C 27 -17.81 -20.96 20.35
C ASN C 27 -17.17 -20.71 21.68
N ALA C 28 -17.12 -21.71 22.50
CA ALA C 28 -16.39 -21.54 23.71
C ALA C 28 -14.95 -21.27 23.35
N TRP C 29 -14.45 -21.97 22.34
CA TRP C 29 -13.05 -21.85 22.00
C TRP C 29 -12.74 -20.48 21.50
N VAL C 30 -13.63 -19.92 20.72
CA VAL C 30 -13.46 -18.57 20.23
C VAL C 30 -13.17 -17.66 21.41
N ASN C 31 -14.02 -17.79 22.40
CA ASN C 31 -13.94 -16.96 23.55
C ASN C 31 -12.60 -16.94 24.19
N GLU C 32 -12.05 -18.08 24.59
CA GLU C 32 -10.73 -18.07 25.20
C GLU C 32 -9.79 -17.36 24.29
N PHE C 33 -9.84 -17.73 23.03
CA PHE C 33 -8.88 -17.35 22.04
C PHE C 33 -8.86 -15.89 21.57
N ALA C 34 -9.98 -15.21 21.69
CA ALA C 34 -10.07 -13.85 21.20
C ALA C 34 -9.12 -12.84 21.81
N TYR C 35 -8.82 -11.83 21.02
CA TYR C 35 -7.98 -10.72 21.35
C TYR C 35 -8.65 -9.75 22.30
N GLN C 36 -7.96 -9.42 23.38
CA GLN C 36 -8.54 -8.58 24.42
C GLN C 36 -8.87 -7.11 24.11
N GLY C 37 -7.99 -6.43 23.42
CA GLY C 37 -8.13 -5.00 23.26
C GLY C 37 -7.31 -4.26 24.31
N PHE C 38 -6.77 -3.12 23.94
CA PHE C 38 -5.80 -2.46 24.78
C PHE C 38 -6.40 -2.09 26.14
N ASP C 39 -5.54 -2.13 27.14
CA ASP C 39 -5.93 -1.87 28.48
C ASP C 39 -5.37 -0.55 28.86
N PRO C 40 -6.21 0.38 29.24
CA PRO C 40 -5.74 1.71 29.54
C PRO C 40 -4.73 1.69 30.66
N LYS C 41 -4.90 0.77 31.58
CA LYS C 41 -4.07 0.66 32.75
C LYS C 41 -2.66 0.38 32.34
N ARG C 42 -2.52 -0.48 31.37
CA ARG C 42 -1.25 -0.82 30.79
C ARG C 42 -0.57 0.33 30.07
N ILE C 43 -1.33 1.15 29.37
CA ILE C 43 -0.78 2.29 28.70
C ILE C 43 -0.19 3.30 29.67
N VAL C 44 -0.87 3.55 30.76
CA VAL C 44 -0.39 4.46 31.73
C VAL C 44 0.90 3.94 32.26
N GLN C 45 0.97 2.66 32.47
CA GLN C 45 2.16 2.06 32.98
C GLN C 45 3.33 2.16 32.06
N LEU C 46 3.14 1.82 30.83
CA LEU C 46 4.21 1.89 29.88
C LEU C 46 4.66 3.28 29.63
N VAL C 47 3.75 4.22 29.65
CA VAL C 47 4.14 5.58 29.44
C VAL C 47 5.02 6.04 30.58
N LYS C 48 4.60 5.83 31.79
CA LYS C 48 5.38 6.25 32.91
C LYS C 48 6.71 5.56 32.98
N GLU C 49 6.73 4.27 32.77
CA GLU C 49 7.96 3.56 32.85
C GLU C 49 8.92 4.06 31.80
N ARG C 50 8.46 4.16 30.57
CA ARG C 50 9.33 4.57 29.49
C ARG C 50 9.84 5.98 29.57
N GLY C 51 8.98 6.89 29.99
CA GLY C 51 9.38 8.26 30.16
C GLY C 51 10.39 8.48 31.25
N THR C 52 10.16 7.87 32.39
CA THR C 52 11.07 7.97 33.52
C THR C 52 12.43 7.36 33.23
N ALA C 53 12.42 6.25 32.54
CA ALA C 53 13.63 5.59 32.22
C ALA C 53 14.53 6.47 31.38
N LYS C 54 13.96 7.42 30.69
CA LYS C 54 14.73 8.43 30.00
C LYS C 54 14.81 9.70 30.79
N GLY C 55 14.40 9.68 32.05
CA GLY C 55 14.41 10.87 32.85
C GLY C 55 13.71 12.03 32.22
N ARG C 56 12.48 11.79 31.77
CA ARG C 56 11.87 12.67 30.83
C ARG C 56 10.79 13.65 31.14
N ASP C 57 10.16 13.69 32.29
CA ASP C 57 8.92 14.48 32.39
C ASP C 57 7.80 13.98 31.50
N TRP C 58 7.39 12.80 31.84
CA TRP C 58 6.44 12.03 31.11
C TRP C 58 5.09 12.64 31.06
N LYS C 59 4.71 13.35 32.10
CA LYS C 59 3.41 13.98 32.17
C LYS C 59 3.22 15.09 31.16
N LYS C 60 4.26 15.85 30.94
CA LYS C 60 4.27 16.85 29.91
C LYS C 60 4.21 16.21 28.56
N ASP C 61 4.84 15.07 28.46
CA ASP C 61 4.90 14.30 27.27
C ASP C 61 3.56 13.79 26.88
N VAL C 62 2.80 13.40 27.87
CA VAL C 62 1.48 12.92 27.69
C VAL C 62 0.64 14.04 27.12
N LYS C 63 0.82 15.24 27.61
CA LYS C 63 0.09 16.37 27.14
C LYS C 63 0.41 16.67 25.68
N MET C 64 1.67 16.61 25.34
CA MET C 64 2.08 16.76 23.97
C MET C 64 1.58 15.68 23.04
N MET C 65 1.63 14.45 23.48
CA MET C 65 1.22 13.35 22.66
C MET C 65 -0.24 13.46 22.33
N ILE C 66 -1.03 13.89 23.30
CA ILE C 66 -2.44 14.10 23.14
C ILE C 66 -2.80 15.26 22.23
N VAL C 67 -2.11 16.36 22.38
CA VAL C 67 -2.39 17.52 21.59
C VAL C 67 -2.09 17.16 20.16
N LEU C 68 -1.00 16.48 19.96
CA LEU C 68 -0.61 16.03 18.66
C LEU C 68 -1.61 15.08 18.08
N ASN C 69 -2.14 14.17 18.87
CA ASN C 69 -3.17 13.28 18.41
C ASN C 69 -4.44 14.01 18.00
N LEU C 70 -4.89 14.95 18.78
CA LEU C 70 -6.08 15.67 18.45
C LEU C 70 -5.97 16.45 17.17
N VAL C 71 -4.89 17.20 17.08
CA VAL C 71 -4.52 17.94 15.90
C VAL C 71 -4.10 17.13 14.68
N ASP C 72 -3.27 16.11 14.85
CA ASP C 72 -2.73 15.40 13.72
C ASP C 72 -3.11 13.99 13.48
N GLY C 73 -3.86 13.38 14.35
CA GLY C 73 -4.20 11.99 14.14
C GLY C 73 -3.28 10.95 14.67
N ASN C 74 -3.48 9.73 14.24
CA ASN C 74 -2.79 8.59 14.81
C ASN C 74 -1.65 7.99 14.02
N GLU C 75 -1.09 8.70 13.07
CA GLU C 75 -0.04 8.14 12.25
C GLU C 75 1.14 9.04 12.34
N PRO C 76 2.11 8.65 13.28
CA PRO C 76 3.11 9.68 13.54
C PRO C 76 4.33 9.79 12.64
N GLU C 77 4.78 8.73 12.01
CA GLU C 77 5.90 8.87 11.10
C GLU C 77 5.46 9.82 10.02
N SER C 78 4.22 9.64 9.61
CA SER C 78 3.69 10.28 8.44
C SER C 78 3.14 11.62 8.74
N MET C 79 3.50 12.20 9.86
CA MET C 79 2.99 13.49 10.21
C MET C 79 4.12 14.46 10.28
N MET C 80 5.32 13.93 10.29
CA MET C 80 6.49 14.78 10.50
C MET C 80 6.91 15.73 9.40
N LYS C 81 6.71 15.35 8.17
CA LYS C 81 7.13 16.19 7.06
C LYS C 81 6.37 17.50 7.07
N GLU C 82 5.11 17.41 7.40
CA GLU C 82 4.21 18.53 7.37
C GLU C 82 4.49 19.63 8.35
N MET C 83 4.99 19.30 9.52
CA MET C 83 5.27 20.34 10.48
C MET C 83 6.67 20.91 10.46
N SER C 84 6.84 21.84 11.38
CA SER C 84 8.02 22.64 11.56
C SER C 84 9.16 21.85 12.09
N GLU C 85 10.34 22.44 12.00
CA GLU C 85 11.56 21.78 12.36
C GLU C 85 11.54 21.42 13.82
N LYS C 86 11.17 22.35 14.67
CA LYS C 86 11.12 22.04 16.08
C LYS C 86 10.11 20.93 16.38
N GLY C 87 8.94 21.03 15.79
CA GLY C 87 7.91 20.09 16.09
C GLY C 87 8.24 18.70 15.67
N ALA C 88 8.78 18.55 14.49
CA ALA C 88 9.09 17.26 13.96
C ALA C 88 10.13 16.63 14.83
N ALA C 89 10.97 17.45 15.41
CA ALA C 89 11.99 17.00 16.31
C ALA C 89 11.40 16.42 17.55
N ILE C 90 10.41 17.10 18.09
CA ILE C 90 9.75 16.60 19.25
C ILE C 90 9.06 15.30 18.97
N VAL C 91 8.43 15.19 17.84
CA VAL C 91 7.72 13.99 17.50
C VAL C 91 8.70 12.86 17.44
N THR C 92 9.89 13.16 16.99
CA THR C 92 10.93 12.19 16.86
C THR C 92 11.29 11.61 18.21
N GLN C 93 11.39 12.45 19.20
CA GLN C 93 11.63 11.99 20.54
C GLN C 93 10.55 11.12 21.11
N LEU C 94 9.31 11.53 20.92
CA LEU C 94 8.17 10.82 21.46
C LEU C 94 8.00 9.44 20.89
N ILE C 95 8.21 9.34 19.60
CA ILE C 95 8.16 8.06 18.97
C ILE C 95 9.26 7.20 19.52
N SER C 96 10.43 7.77 19.69
CA SER C 96 11.52 7.01 20.21
C SER C 96 11.37 6.59 21.66
N THR C 97 11.06 7.54 22.51
CA THR C 97 10.91 7.27 23.91
C THR C 97 9.80 6.29 24.20
N TYR C 98 8.66 6.49 23.58
CA TYR C 98 7.50 5.72 23.91
C TYR C 98 7.31 4.58 22.98
N GLN C 99 8.04 4.54 21.90
CA GLN C 99 8.00 3.42 21.01
C GLN C 99 6.65 3.36 20.34
N LEU C 100 6.20 4.51 19.87
CA LEU C 100 4.91 4.65 19.26
C LEU C 100 4.76 3.94 17.94
N LYS C 101 3.59 3.39 17.75
CA LYS C 101 3.24 2.76 16.51
C LYS C 101 2.00 3.43 15.97
N GLU C 102 1.83 3.38 14.66
CA GLU C 102 0.63 3.84 14.02
C GLU C 102 -0.47 2.81 14.01
N GLY C 103 -1.63 3.25 13.56
CA GLY C 103 -2.77 2.40 13.34
C GLY C 103 -3.32 1.68 14.54
N ASN C 104 -3.57 0.39 14.40
CA ASN C 104 -4.18 -0.37 15.46
C ASN C 104 -3.48 -1.67 15.76
N PRO C 105 -2.36 -1.59 16.44
CA PRO C 105 -1.49 -2.73 16.63
C PRO C 105 -1.95 -3.57 17.78
N GLY C 106 -1.09 -4.42 18.29
CA GLY C 106 -1.40 -5.24 19.43
C GLY C 106 -1.47 -4.48 20.72
N ARG C 107 -2.11 -5.07 21.70
CA ARG C 107 -2.46 -4.40 22.95
C ARG C 107 -1.34 -3.94 23.86
N ASP C 108 -0.13 -4.42 23.67
CA ASP C 108 0.96 -4.02 24.51
C ASP C 108 1.71 -2.89 23.86
N THR C 109 1.08 -2.27 22.89
CA THR C 109 1.74 -1.27 22.11
C THR C 109 1.09 0.04 22.41
N ILE C 110 1.88 1.10 22.48
CA ILE C 110 1.34 2.43 22.64
C ILE C 110 1.10 3.14 21.35
N THR C 111 -0.03 3.80 21.29
CA THR C 111 -0.38 4.65 20.19
C THR C 111 -0.81 5.97 20.73
N LEU C 112 -0.71 6.99 19.93
CA LEU C 112 -1.06 8.30 20.34
C LEU C 112 -2.49 8.33 20.75
N SER C 113 -3.28 7.58 20.03
CA SER C 113 -4.67 7.42 20.27
C SER C 113 -5.01 6.74 21.56
N ARG C 114 -4.26 5.71 21.90
CA ARG C 114 -4.31 5.10 23.21
C ARG C 114 -3.89 5.99 24.36
N VAL C 115 -2.94 6.87 24.14
CA VAL C 115 -2.53 7.82 25.13
C VAL C 115 -3.70 8.72 25.47
N SER C 116 -4.38 9.14 24.45
CA SER C 116 -5.52 10.00 24.58
C SER C 116 -6.65 9.36 25.30
N ALA C 117 -6.88 8.11 25.04
CA ALA C 117 -7.83 7.34 25.78
C ALA C 117 -7.49 7.02 27.22
N ALA C 118 -6.24 6.67 27.49
CA ALA C 118 -5.80 6.37 28.84
C ALA C 118 -5.86 7.59 29.71
N PHE C 119 -5.47 8.71 29.16
CA PHE C 119 -5.29 9.92 29.89
C PHE C 119 -6.38 10.90 29.56
N VAL C 120 -7.55 10.39 29.31
CA VAL C 120 -8.68 11.11 28.82
C VAL C 120 -9.15 12.20 29.75
N PRO C 121 -8.80 12.13 31.03
CA PRO C 121 -9.12 13.24 31.92
C PRO C 121 -8.40 14.53 31.53
N TRP C 122 -7.20 14.46 31.02
CA TRP C 122 -6.59 15.57 30.33
C TRP C 122 -7.18 15.97 28.97
N THR C 123 -7.51 14.97 28.18
CA THR C 123 -7.95 15.12 26.83
C THR C 123 -9.20 15.94 26.67
N VAL C 124 -10.18 15.68 27.52
CA VAL C 124 -11.45 16.37 27.51
C VAL C 124 -11.32 17.83 27.84
N GLN C 125 -10.34 18.11 28.68
CA GLN C 125 -9.97 19.43 29.03
C GLN C 125 -9.34 20.19 27.93
N ALA C 126 -8.43 19.56 27.22
CA ALA C 126 -7.69 20.19 26.15
C ALA C 126 -8.54 20.58 24.96
N LEU C 127 -9.64 19.88 24.79
CA LEU C 127 -10.53 20.03 23.67
C LEU C 127 -11.10 21.43 23.64
N LYS C 128 -11.29 21.99 24.80
CA LYS C 128 -11.86 23.29 24.94
C LYS C 128 -10.98 24.30 24.27
N THR C 129 -9.69 24.12 24.41
CA THR C 129 -8.74 25.14 24.09
C THR C 129 -8.21 25.08 22.68
N LEU C 130 -8.56 24.07 21.93
CA LEU C 130 -8.10 23.95 20.59
C LEU C 130 -9.11 23.43 19.61
N SER C 131 -10.39 23.67 19.83
CA SER C 131 -11.44 23.09 19.01
C SER C 131 -11.47 23.54 17.56
N GLU C 132 -10.99 24.72 17.30
CA GLU C 132 -10.87 25.18 15.94
C GLU C 132 -9.83 24.40 15.13
N SER C 133 -8.80 23.93 15.79
CA SER C 133 -7.70 23.25 15.13
C SER C 133 -7.93 21.75 14.96
N LEU C 134 -9.08 21.30 15.40
CA LEU C 134 -9.45 19.94 15.23
C LEU C 134 -9.89 19.66 13.85
N PRO C 135 -10.03 18.41 13.50
CA PRO C 135 -10.50 18.05 12.18
C PRO C 135 -11.90 18.55 11.86
N VAL C 136 -12.78 18.50 12.84
CA VAL C 136 -14.09 19.07 12.73
C VAL C 136 -14.03 20.13 13.75
N THR C 137 -14.43 21.34 13.43
CA THR C 137 -14.32 22.41 14.37
C THR C 137 -15.41 22.49 15.39
N GLY C 138 -15.18 23.30 16.40
CA GLY C 138 -16.22 23.57 17.34
C GLY C 138 -17.35 24.22 16.61
N THR C 139 -17.05 25.18 15.78
CA THR C 139 -18.09 25.90 15.10
C THR C 139 -18.88 25.00 14.17
N THR C 140 -18.21 24.08 13.51
CA THR C 140 -18.89 23.19 12.63
C THR C 140 -19.90 22.40 13.38
N MET C 141 -19.48 21.85 14.50
CA MET C 141 -20.33 21.02 15.31
C MET C 141 -21.49 21.81 15.85
N ASP C 142 -21.23 23.07 16.12
CA ASP C 142 -22.27 23.95 16.60
C ASP C 142 -23.33 24.09 15.56
N SER C 143 -22.92 24.29 14.33
CA SER C 143 -23.87 24.45 13.26
C SER C 143 -24.65 23.18 13.08
N ILE C 144 -23.97 22.05 13.13
CA ILE C 144 -24.67 20.80 12.95
C ILE C 144 -25.61 20.62 14.09
N ALA C 145 -25.19 21.00 15.27
CA ALA C 145 -26.04 20.86 16.42
C ALA C 145 -26.80 22.14 16.54
N GLY C 146 -27.95 22.08 17.17
CA GLY C 146 -28.78 23.25 17.26
C GLY C 146 -28.04 24.33 17.99
N THR C 147 -27.08 23.89 18.77
CA THR C 147 -26.55 24.64 19.86
C THR C 147 -25.11 24.32 20.01
N THR C 148 -24.48 24.90 21.02
CA THR C 148 -23.09 24.66 21.28
C THR C 148 -22.90 23.24 21.62
N TYR C 149 -22.10 22.56 20.82
CA TYR C 149 -21.79 21.18 21.08
C TYR C 149 -20.64 21.19 22.03
N PRO C 150 -20.71 20.44 23.12
CA PRO C 150 -19.68 20.59 24.14
C PRO C 150 -18.36 20.06 23.65
N ARG C 151 -17.34 20.88 23.82
CA ARG C 151 -16.05 20.60 23.31
C ARG C 151 -15.45 19.36 23.90
N CYS C 152 -15.82 19.04 25.12
CA CYS C 152 -15.31 17.87 25.77
C CYS C 152 -15.71 16.56 25.11
N MET C 153 -16.76 16.58 24.32
CA MET C 153 -17.23 15.36 23.71
C MET C 153 -16.61 15.11 22.35
N MET C 154 -15.87 16.08 21.86
CA MET C 154 -15.37 16.05 20.50
C MET C 154 -14.07 15.27 20.30
N HIS C 155 -14.05 14.05 20.74
CA HIS C 155 -13.01 13.16 20.37
C HIS C 155 -13.59 11.85 20.76
N PRO C 156 -13.15 10.75 20.21
CA PRO C 156 -13.66 9.43 20.57
C PRO C 156 -13.39 8.99 22.00
N SER C 157 -12.32 9.46 22.57
CA SER C 157 -11.85 9.02 23.86
C SER C 157 -12.87 9.35 24.92
N PHE C 158 -13.76 10.26 24.61
CA PHE C 158 -14.80 10.66 25.51
C PHE C 158 -15.67 9.48 25.83
N ALA C 159 -15.70 8.50 24.98
CA ALA C 159 -16.51 7.35 25.20
C ALA C 159 -16.13 6.59 26.43
N GLY C 160 -14.88 6.68 26.80
CA GLY C 160 -14.29 6.08 27.96
C GLY C 160 -14.77 6.57 29.29
N ILE C 161 -15.38 7.73 29.31
CA ILE C 161 -15.96 8.27 30.53
C ILE C 161 -17.48 8.25 30.62
N ILE C 162 -18.13 7.46 29.78
CA ILE C 162 -19.56 7.38 29.75
C ILE C 162 -20.02 6.26 30.62
N ASP C 163 -20.88 6.57 31.56
CA ASP C 163 -21.52 5.58 32.36
C ASP C 163 -22.83 5.30 31.68
N LEU C 164 -22.96 4.12 31.13
CA LEU C 164 -24.20 3.73 30.48
C LEU C 164 -25.29 3.53 31.48
N GLU C 165 -24.90 3.26 32.70
CA GLU C 165 -25.82 2.80 33.69
C GLU C 165 -26.49 3.92 34.41
N LEU C 166 -26.21 5.13 34.00
CA LEU C 166 -26.72 6.26 34.69
C LEU C 166 -28.20 6.16 34.60
N PRO C 167 -28.92 6.79 35.50
CA PRO C 167 -30.38 6.70 35.52
C PRO C 167 -31.10 7.57 34.52
N ASN C 168 -32.35 7.24 34.23
CA ASN C 168 -33.17 8.02 33.32
C ASN C 168 -32.68 7.90 31.90
N ASN C 169 -31.91 6.85 31.64
CA ASN C 169 -31.22 6.70 30.37
C ASN C 169 -30.36 7.91 30.05
N THR C 170 -29.75 8.49 31.06
CA THR C 170 -28.86 9.61 30.84
C THR C 170 -27.66 9.11 30.07
N GLY C 171 -27.23 7.89 30.36
CA GLY C 171 -26.12 7.31 29.66
C GLY C 171 -26.34 7.06 28.18
N ALA C 172 -27.50 6.55 27.84
CA ALA C 172 -27.86 6.31 26.47
C ALA C 172 -27.89 7.60 25.74
N MET C 173 -28.42 8.59 26.40
CA MET C 173 -28.53 9.90 25.84
C MET C 173 -27.15 10.48 25.58
N LEU C 174 -26.22 10.28 26.51
CA LEU C 174 -24.88 10.83 26.35
C LEU C 174 -24.16 10.27 25.16
N ALA C 175 -24.31 8.99 24.96
CA ALA C 175 -23.75 8.32 23.84
C ALA C 175 -24.32 8.82 22.51
N ASP C 176 -25.61 9.06 22.47
CA ASP C 176 -26.22 9.58 21.27
C ASP C 176 -25.68 10.95 20.95
N ALA C 177 -25.55 11.81 21.93
CA ALA C 177 -24.94 13.09 21.71
C ALA C 177 -23.48 12.99 21.26
N HIS C 178 -22.77 12.01 21.77
CA HIS C 178 -21.43 11.75 21.32
C HIS C 178 -21.41 11.23 19.90
N GLY C 179 -22.42 10.49 19.56
CA GLY C 179 -22.56 9.95 18.23
C GLY C 179 -22.61 11.06 17.22
N LEU C 180 -23.19 12.17 17.58
CA LEU C 180 -23.35 13.25 16.68
C LEU C 180 -22.02 13.75 16.20
N PHE C 181 -21.10 13.94 17.12
CA PHE C 181 -19.76 14.28 16.74
C PHE C 181 -19.07 13.15 16.01
N MET C 182 -19.29 11.93 16.44
CA MET C 182 -18.54 10.84 15.89
C MET C 182 -18.78 10.67 14.40
N LEU C 183 -20.00 10.90 13.95
CA LEU C 183 -20.33 10.69 12.57
C LEU C 183 -19.48 11.56 11.70
N GLU C 184 -19.36 12.80 12.09
CA GLU C 184 -18.52 13.68 11.38
C GLU C 184 -17.10 13.24 11.45
N PHE C 185 -16.65 12.84 12.63
CA PHE C 185 -15.26 12.62 12.85
C PHE C 185 -14.82 11.51 11.95
N SER C 186 -15.61 10.45 11.90
CA SER C 186 -15.31 9.29 11.09
C SER C 186 -15.32 9.59 9.62
N LYS C 187 -16.23 10.45 9.21
CA LYS C 187 -16.32 10.82 7.84
C LYS C 187 -14.99 11.42 7.50
N THR C 188 -14.43 12.10 8.47
CA THR C 188 -13.26 12.86 8.18
C THR C 188 -12.00 12.15 8.60
N ILE C 189 -12.06 10.86 8.82
CA ILE C 189 -10.86 10.08 8.85
C ILE C 189 -10.92 8.85 7.94
N ASN C 190 -12.11 8.32 7.69
CA ASN C 190 -12.26 7.24 6.75
C ASN C 190 -13.24 7.74 5.71
N PRO C 191 -12.72 8.42 4.71
CA PRO C 191 -13.52 9.17 3.76
C PRO C 191 -14.38 8.28 2.92
N SER C 192 -14.11 7.00 2.99
CA SER C 192 -14.90 6.04 2.26
C SER C 192 -16.33 6.19 2.73
N LEU C 193 -16.50 6.81 3.87
CA LEU C 193 -17.76 6.98 4.50
C LEU C 193 -18.38 8.31 4.20
N ARG C 194 -17.71 9.14 3.44
CA ARG C 194 -18.30 10.40 3.09
C ARG C 194 -19.54 10.22 2.23
N THR C 195 -19.60 9.10 1.53
CA THR C 195 -20.64 8.85 0.56
C THR C 195 -21.79 8.11 1.19
N LYS C 196 -21.76 8.00 2.49
CA LYS C 196 -22.59 7.07 3.17
C LYS C 196 -23.58 7.74 4.06
N GLN C 197 -24.48 6.94 4.58
CA GLN C 197 -25.55 7.48 5.35
C GLN C 197 -25.27 7.25 6.83
N PRO C 198 -25.77 8.13 7.67
CA PRO C 198 -25.35 8.15 9.05
C PRO C 198 -25.50 6.82 9.73
N ASN C 199 -26.58 6.14 9.49
CA ASN C 199 -26.77 4.88 10.10
C ASN C 199 -25.67 3.94 9.67
N GLU C 200 -25.20 4.12 8.44
CA GLU C 200 -24.13 3.26 7.92
C GLU C 200 -22.81 3.55 8.63
N ILE C 201 -22.54 4.83 8.82
CA ILE C 201 -21.36 5.28 9.50
C ILE C 201 -21.34 4.84 10.93
N ALA C 202 -22.48 4.92 11.59
CA ALA C 202 -22.55 4.64 12.99
C ALA C 202 -22.11 3.24 13.28
N ALA C 203 -22.50 2.31 12.44
CA ALA C 203 -22.17 0.93 12.65
C ALA C 203 -20.69 0.73 12.58
N THR C 204 -20.04 1.71 12.01
CA THR C 204 -18.63 1.68 11.91
C THR C 204 -17.90 1.79 13.24
N PHE C 205 -18.35 2.72 14.06
CA PHE C 205 -17.70 2.95 15.31
C PHE C 205 -18.44 2.31 16.44
N GLU C 206 -19.44 1.52 16.13
CA GLU C 206 -20.29 1.02 17.16
C GLU C 206 -19.60 0.14 18.17
N LYS C 207 -18.86 -0.85 17.76
CA LYS C 207 -18.21 -1.71 18.72
C LYS C 207 -17.09 -1.10 19.51
N PRO C 208 -16.21 -0.38 18.86
CA PRO C 208 -15.06 0.19 19.54
C PRO C 208 -15.47 1.18 20.57
N ASN C 209 -16.49 1.95 20.28
CA ASN C 209 -17.07 2.86 21.24
C ASN C 209 -17.71 2.14 22.36
N MET C 210 -18.39 1.08 22.05
CA MET C 210 -19.03 0.31 23.04
C MET C 210 -18.02 -0.31 23.96
N ALA C 211 -16.92 -0.71 23.41
CA ALA C 211 -15.88 -1.30 24.21
C ALA C 211 -15.40 -0.27 25.16
N ALA C 212 -15.35 0.96 24.70
CA ALA C 212 -14.89 2.04 25.52
C ALA C 212 -15.79 2.34 26.70
N MET C 213 -17.08 2.37 26.46
CA MET C 213 -18.05 2.70 27.48
C MET C 213 -18.16 1.66 28.57
N THR C 214 -17.79 0.45 28.25
CA THR C 214 -17.98 -0.64 29.14
C THR C 214 -16.71 -1.12 29.80
N GLY C 215 -15.62 -0.44 29.55
CA GLY C 215 -14.34 -0.80 30.09
C GLY C 215 -14.35 -0.68 31.58
N ARG C 216 -13.60 -1.53 32.24
CA ARG C 216 -13.62 -1.56 33.69
C ARG C 216 -12.66 -0.61 34.37
N PHE C 217 -11.86 0.08 33.61
CA PHE C 217 -10.79 0.89 34.13
C PHE C 217 -11.17 2.06 35.04
N PHE C 218 -12.16 2.82 34.65
CA PHE C 218 -12.70 3.87 35.48
C PHE C 218 -13.96 3.33 36.04
N THR C 219 -14.25 3.65 37.27
CA THR C 219 -15.45 3.24 37.93
C THR C 219 -16.60 4.16 37.67
N ARG C 220 -17.79 3.72 38.00
CA ARG C 220 -18.96 4.48 37.73
C ARG C 220 -18.86 5.76 38.49
N ASP C 221 -18.36 5.68 39.68
CA ASP C 221 -18.13 6.84 40.43
C ASP C 221 -17.10 7.78 39.89
N ASP C 222 -16.05 7.27 39.30
CA ASP C 222 -15.08 8.11 38.67
C ASP C 222 -15.69 8.86 37.53
N LYS C 223 -16.50 8.16 36.76
CA LYS C 223 -17.07 8.73 35.58
C LYS C 223 -17.98 9.87 35.89
N LYS C 224 -18.72 9.71 36.97
CA LYS C 224 -19.62 10.70 37.42
C LYS C 224 -18.81 11.88 37.79
N LYS C 225 -17.71 11.61 38.43
CA LYS C 225 -16.87 12.66 38.87
C LYS C 225 -16.32 13.46 37.70
N LEU C 226 -15.84 12.80 36.68
CA LEU C 226 -15.40 13.47 35.51
C LEU C 226 -16.46 14.18 34.72
N LEU C 227 -17.62 13.59 34.55
CA LEU C 227 -18.67 14.22 33.80
C LEU C 227 -19.16 15.50 34.42
N ILE C 228 -19.26 15.51 35.73
CA ILE C 228 -19.57 16.68 36.47
C ILE C 228 -18.51 17.74 36.39
N ALA C 229 -17.26 17.32 36.48
CA ALA C 229 -16.19 18.26 36.47
C ALA C 229 -16.16 19.03 35.17
N ILE C 230 -16.46 18.37 34.09
CA ILE C 230 -16.36 18.99 32.81
C ILE C 230 -17.67 19.64 32.39
N GLY C 231 -18.63 19.69 33.30
CA GLY C 231 -19.84 20.41 33.06
C GLY C 231 -20.91 19.71 32.27
N VAL C 232 -20.72 18.44 31.99
CA VAL C 232 -21.71 17.58 31.41
C VAL C 232 -22.85 17.25 32.34
N LEU C 233 -22.54 16.98 33.58
CA LEU C 233 -23.56 16.65 34.53
C LEU C 233 -23.46 17.62 35.63
N ASN C 234 -24.58 17.90 36.24
CA ASN C 234 -24.58 18.67 37.44
C ASN C 234 -24.40 17.76 38.60
N GLU C 235 -24.25 18.33 39.76
CA GLU C 235 -23.93 17.53 40.91
C GLU C 235 -25.08 16.59 41.21
N ASP C 236 -26.20 16.84 40.57
CA ASP C 236 -27.37 16.01 40.73
C ASP C 236 -27.50 14.98 39.64
N LEU C 237 -26.50 14.88 38.80
CA LEU C 237 -26.53 13.90 37.75
C LEU C 237 -27.41 14.34 36.59
N VAL C 238 -27.72 15.61 36.55
CA VAL C 238 -28.63 16.09 35.55
C VAL C 238 -27.87 16.55 34.34
N PRO C 239 -28.26 16.07 33.18
CA PRO C 239 -27.52 16.34 31.98
C PRO C 239 -27.59 17.76 31.63
N ASN C 240 -26.54 18.30 31.06
CA ASN C 240 -26.55 19.66 30.60
C ASN C 240 -27.58 19.72 29.51
N PRO C 241 -28.25 20.82 29.36
CA PRO C 241 -29.38 20.86 28.45
C PRO C 241 -29.03 20.50 27.02
N ALA C 242 -27.86 20.90 26.59
CA ALA C 242 -27.47 20.69 25.22
C ALA C 242 -27.46 19.22 24.86
N ILE C 243 -27.17 18.36 25.80
CA ILE C 243 -26.97 16.95 25.48
C ILE C 243 -28.20 16.37 24.87
N GLU C 244 -29.36 16.79 25.31
CA GLU C 244 -30.61 16.31 24.76
C GLU C 244 -30.76 16.75 23.33
N LYS C 245 -30.40 17.99 23.09
CA LYS C 245 -30.54 18.53 21.79
C LYS C 245 -29.70 17.75 20.83
N CYS C 246 -28.46 17.49 21.21
CA CYS C 246 -27.54 16.73 20.39
C CYS C 246 -27.95 15.31 20.19
N ALA C 247 -28.44 14.69 21.23
CA ALA C 247 -28.83 13.32 21.14
C ALA C 247 -29.96 13.20 20.18
N GLU C 248 -30.86 14.17 20.24
CA GLU C 248 -32.04 14.17 19.40
C GLU C 248 -31.72 14.25 17.91
N LYS C 249 -30.80 15.12 17.55
CA LYS C 249 -30.39 15.21 16.19
C LYS C 249 -29.77 13.90 15.79
N TYR C 250 -29.05 13.28 16.70
CA TYR C 250 -28.45 12.01 16.38
C TYR C 250 -29.46 10.94 16.10
N LYS C 251 -30.54 10.92 16.83
CA LYS C 251 -31.58 9.96 16.59
C LYS C 251 -32.19 10.22 15.23
N ALA C 252 -32.27 11.48 14.87
CA ALA C 252 -32.71 11.83 13.56
C ALA C 252 -31.49 12.00 12.70
N LYS C 253 -31.24 10.98 11.92
CA LYS C 253 -30.06 10.88 11.13
C LYS C 253 -29.72 9.43 11.12
N VAL C 254 -29.97 8.75 12.21
CA VAL C 254 -29.56 7.39 12.30
C VAL C 254 -30.78 6.50 12.38
N GLY C 255 -31.93 7.09 12.63
CA GLY C 255 -33.11 6.30 12.89
C GLY C 255 -33.40 6.18 14.39
N LYS C 256 -34.45 5.45 14.72
CA LYS C 256 -34.98 5.40 16.08
C LYS C 256 -34.97 6.77 16.69
N GLU D 6 39.73 -6.56 -12.65
CA GLU D 6 39.47 -5.73 -11.48
C GLU D 6 38.92 -4.35 -11.80
N ASP D 7 39.31 -3.79 -12.93
CA ASP D 7 38.90 -2.46 -13.28
C ASP D 7 38.24 -2.21 -14.63
N ASN D 8 38.15 -3.20 -15.49
CA ASN D 8 37.33 -3.04 -16.67
C ASN D 8 36.04 -3.81 -16.55
N TYR D 9 35.00 -3.06 -16.25
CA TYR D 9 33.70 -3.59 -15.93
C TYR D 9 33.03 -4.30 -17.06
N ARG D 10 33.19 -3.78 -18.25
CA ARG D 10 32.61 -4.39 -19.39
C ARG D 10 33.19 -5.74 -19.65
N THR D 11 34.51 -5.83 -19.58
CA THR D 11 35.20 -7.08 -19.72
C THR D 11 34.97 -8.06 -18.58
N ILE D 12 34.84 -7.56 -17.37
CA ILE D 12 34.54 -8.42 -16.27
C ILE D 12 33.22 -9.08 -16.53
N ALA D 13 32.25 -8.30 -16.95
CA ALA D 13 30.95 -8.84 -17.29
C ALA D 13 30.95 -9.80 -18.46
N LEU D 14 31.68 -9.51 -19.51
CA LEU D 14 31.79 -10.41 -20.62
C LEU D 14 32.40 -11.75 -20.27
N ALA D 15 33.24 -11.77 -19.26
CA ALA D 15 33.93 -12.96 -18.84
C ALA D 15 33.00 -13.94 -18.21
N PHE D 16 31.81 -13.49 -17.89
CA PHE D 16 30.82 -14.37 -17.32
C PHE D 16 30.29 -15.36 -18.31
N LEU D 17 30.54 -15.16 -19.58
CA LEU D 17 30.12 -16.10 -20.59
C LEU D 17 30.79 -17.42 -20.31
N ASP D 18 31.98 -17.36 -19.78
CA ASP D 18 32.76 -18.53 -19.51
C ASP D 18 32.77 -18.99 -18.08
N GLU D 19 32.03 -18.31 -17.23
CA GLU D 19 31.89 -18.74 -15.87
C GLU D 19 31.04 -19.97 -15.87
N SER D 20 31.27 -20.84 -14.92
CA SER D 20 30.52 -22.07 -14.82
C SER D 20 29.06 -21.81 -14.50
N ALA D 21 28.20 -22.63 -15.07
CA ALA D 21 26.80 -22.68 -14.76
C ALA D 21 26.35 -24.13 -14.62
N ASP D 22 26.70 -24.76 -13.50
CA ASP D 22 26.32 -26.15 -13.22
C ASP D 22 24.87 -26.32 -12.90
N SER D 23 24.23 -27.20 -13.63
CA SER D 23 22.84 -27.47 -13.51
C SER D 23 22.55 -27.97 -12.13
N THR D 24 23.37 -28.89 -11.67
CA THR D 24 23.10 -29.49 -10.40
C THR D 24 23.21 -28.51 -9.28
N THR D 25 24.27 -27.74 -9.27
CA THR D 25 24.39 -26.73 -8.24
C THR D 25 23.30 -25.68 -8.37
N ILE D 26 22.99 -25.28 -9.58
CA ILE D 26 21.96 -24.27 -9.78
C ILE D 26 20.62 -24.71 -9.29
N ASN D 27 20.23 -25.92 -9.63
CA ASN D 27 18.96 -26.40 -9.23
C ASN D 27 18.88 -26.51 -7.75
N ALA D 28 20.02 -26.82 -7.15
CA ALA D 28 20.17 -26.92 -5.72
C ALA D 28 19.91 -25.61 -5.02
N TRP D 29 20.31 -24.52 -5.66
CA TRP D 29 19.95 -23.19 -5.21
C TRP D 29 18.46 -22.94 -5.36
N VAL D 30 17.92 -23.30 -6.50
CA VAL D 30 16.50 -23.13 -6.75
C VAL D 30 15.70 -23.95 -5.78
N ASN D 31 16.23 -25.10 -5.41
CA ASN D 31 15.54 -25.92 -4.45
C ASN D 31 15.42 -25.21 -3.12
N GLU D 32 16.52 -24.64 -2.68
CA GLU D 32 16.62 -23.77 -1.52
C GLU D 32 15.90 -22.39 -1.58
N PHE D 33 15.73 -21.82 -2.76
CA PHE D 33 15.08 -20.53 -2.91
C PHE D 33 13.63 -20.65 -3.26
N ALA D 34 13.24 -21.80 -3.76
CA ALA D 34 11.89 -22.04 -4.19
C ALA D 34 10.94 -22.17 -3.03
N TYR D 35 9.73 -21.67 -3.20
CA TYR D 35 8.71 -21.99 -2.26
C TYR D 35 8.44 -23.42 -2.50
N GLN D 36 8.33 -24.17 -1.44
CA GLN D 36 8.03 -25.55 -1.55
C GLN D 36 6.68 -25.75 -0.93
N GLY D 37 5.98 -26.75 -1.41
CA GLY D 37 4.65 -26.99 -0.95
C GLY D 37 4.79 -27.81 0.29
N PHE D 38 3.76 -28.56 0.60
CA PHE D 38 3.86 -29.52 1.66
C PHE D 38 2.99 -30.65 1.20
N ASP D 39 3.14 -31.79 1.83
CA ASP D 39 2.29 -32.88 1.51
C ASP D 39 1.30 -32.98 2.64
N PRO D 40 0.03 -32.92 2.31
CA PRO D 40 -0.97 -32.91 3.35
C PRO D 40 -0.81 -34.16 4.11
N LYS D 41 -0.42 -35.21 3.41
CA LYS D 41 -0.31 -36.52 3.96
C LYS D 41 0.71 -36.52 5.08
N ARG D 42 1.77 -35.78 4.88
CA ARG D 42 2.79 -35.59 5.87
C ARG D 42 2.29 -34.89 7.09
N ILE D 43 1.47 -33.87 6.88
CA ILE D 43 1.01 -33.10 7.99
C ILE D 43 0.19 -33.95 8.91
N VAL D 44 -0.66 -34.77 8.33
CA VAL D 44 -1.49 -35.66 9.10
C VAL D 44 -0.63 -36.59 9.91
N GLN D 45 0.43 -37.09 9.32
CA GLN D 45 1.32 -37.93 10.06
C GLN D 45 2.02 -37.20 11.20
N LEU D 46 2.55 -36.03 10.93
CA LEU D 46 3.29 -35.33 11.96
C LEU D 46 2.46 -34.94 13.14
N VAL D 47 1.23 -34.54 12.91
CA VAL D 47 0.40 -34.12 14.00
C VAL D 47 0.20 -35.27 14.92
N LYS D 48 -0.15 -36.39 14.35
CA LYS D 48 -0.54 -37.53 15.12
C LYS D 48 0.62 -38.04 15.88
N GLU D 49 1.74 -38.20 15.21
CA GLU D 49 2.88 -38.77 15.86
C GLU D 49 3.29 -37.87 16.98
N ARG D 50 3.40 -36.59 16.70
CA ARG D 50 3.85 -35.67 17.69
C ARG D 50 2.90 -35.63 18.86
N GLY D 51 1.61 -35.54 18.60
CA GLY D 51 0.67 -35.48 19.69
C GLY D 51 0.66 -36.73 20.52
N THR D 52 0.64 -37.86 19.86
CA THR D 52 0.54 -39.15 20.53
C THR D 52 1.77 -39.39 21.38
N ALA D 53 2.89 -38.90 20.86
CA ALA D 53 4.20 -38.99 21.47
C ALA D 53 4.19 -38.23 22.75
N LYS D 54 3.55 -37.07 22.73
CA LYS D 54 3.70 -36.13 23.81
C LYS D 54 2.42 -35.83 24.55
N GLY D 55 1.64 -36.85 24.81
CA GLY D 55 0.43 -36.65 25.59
C GLY D 55 -0.47 -37.81 25.36
N ARG D 56 -1.69 -37.59 24.87
CA ARG D 56 -2.28 -36.31 24.54
C ARG D 56 -3.40 -36.66 23.62
N ASP D 57 -4.45 -35.85 23.63
CA ASP D 57 -5.60 -36.12 22.82
C ASP D 57 -5.49 -35.30 21.56
N TRP D 58 -4.76 -35.81 20.59
CA TRP D 58 -4.39 -35.08 19.39
C TRP D 58 -5.53 -34.67 18.52
N LYS D 59 -6.62 -35.40 18.58
CA LYS D 59 -7.76 -35.05 17.79
C LYS D 59 -8.39 -33.74 18.21
N LYS D 60 -8.40 -33.45 19.49
CA LYS D 60 -8.87 -32.17 19.95
C LYS D 60 -7.98 -31.08 19.45
N ASP D 61 -6.69 -31.32 19.50
CA ASP D 61 -5.73 -30.31 19.24
C ASP D 61 -5.97 -29.82 17.85
N VAL D 62 -6.33 -30.73 16.99
CA VAL D 62 -6.47 -30.40 15.62
C VAL D 62 -7.55 -29.37 15.49
N LYS D 63 -8.64 -29.62 16.16
CA LYS D 63 -9.81 -28.77 16.15
C LYS D 63 -9.55 -27.39 16.74
N MET D 64 -8.77 -27.35 17.80
CA MET D 64 -8.34 -26.13 18.36
C MET D 64 -7.45 -25.35 17.43
N MET D 65 -6.54 -26.02 16.76
CA MET D 65 -5.66 -25.35 15.86
C MET D 65 -6.41 -24.74 14.73
N ILE D 66 -7.37 -25.45 14.21
CA ILE D 66 -8.15 -24.97 13.12
C ILE D 66 -8.93 -23.74 13.53
N VAL D 67 -9.45 -23.76 14.72
CA VAL D 67 -10.18 -22.63 15.22
C VAL D 67 -9.25 -21.45 15.30
N LEU D 68 -8.09 -21.64 15.86
CA LEU D 68 -7.20 -20.54 16.03
C LEU D 68 -6.94 -19.95 14.70
N ASN D 69 -6.62 -20.82 13.76
CA ASN D 69 -6.17 -20.40 12.50
C ASN D 69 -7.25 -19.65 11.82
N LEU D 70 -8.45 -20.16 11.90
CA LEU D 70 -9.55 -19.52 11.24
C LEU D 70 -9.85 -18.18 11.83
N VAL D 71 -9.86 -18.12 13.15
CA VAL D 71 -10.07 -16.87 13.84
C VAL D 71 -8.91 -15.88 13.80
N ASP D 72 -7.74 -16.34 14.23
CA ASP D 72 -6.60 -15.46 14.39
C ASP D 72 -5.54 -15.38 13.30
N GLY D 73 -5.57 -16.24 12.30
CA GLY D 73 -4.52 -16.29 11.29
C GLY D 73 -3.41 -17.27 11.60
N ASN D 74 -2.27 -17.11 10.94
CA ASN D 74 -1.22 -18.12 10.96
C ASN D 74 0.02 -17.78 11.74
N GLU D 75 0.01 -16.73 12.54
CA GLU D 75 1.20 -16.50 13.31
C GLU D 75 0.94 -16.74 14.76
N PRO D 76 1.16 -17.94 15.24
CA PRO D 76 0.73 -18.21 16.62
C PRO D 76 1.43 -17.44 17.71
N GLU D 77 2.71 -17.14 17.56
CA GLU D 77 3.41 -16.50 18.65
C GLU D 77 2.79 -15.16 18.89
N SER D 78 2.55 -14.44 17.82
CA SER D 78 1.96 -13.16 17.92
C SER D 78 0.62 -13.27 18.58
N MET D 79 -0.08 -14.35 18.31
CA MET D 79 -1.45 -14.50 18.75
C MET D 79 -1.51 -14.45 20.26
N MET D 80 -0.56 -15.07 20.92
CA MET D 80 -0.57 -15.27 22.35
C MET D 80 -0.56 -13.96 23.06
N LYS D 81 0.11 -13.01 22.45
CA LYS D 81 0.28 -11.72 23.03
C LYS D 81 -1.08 -11.09 23.18
N GLU D 82 -1.97 -11.37 22.26
CA GLU D 82 -3.23 -10.67 22.16
C GLU D 82 -4.38 -11.19 22.95
N MET D 83 -4.21 -12.30 23.63
CA MET D 83 -5.35 -13.03 24.13
C MET D 83 -5.28 -13.31 25.60
N SER D 84 -6.27 -14.00 26.10
CA SER D 84 -6.44 -14.26 27.51
C SER D 84 -5.32 -15.14 27.96
N GLU D 85 -5.10 -15.21 29.26
CA GLU D 85 -4.06 -16.05 29.78
C GLU D 85 -4.37 -17.50 29.57
N LYS D 86 -5.63 -17.85 29.74
CA LYS D 86 -6.03 -19.21 29.50
C LYS D 86 -5.79 -19.50 28.05
N GLY D 87 -6.25 -18.63 27.19
CA GLY D 87 -6.18 -18.95 25.79
C GLY D 87 -4.75 -19.15 25.43
N ALA D 88 -3.88 -18.27 25.90
CA ALA D 88 -2.48 -18.29 25.57
C ALA D 88 -1.80 -19.52 26.10
N ALA D 89 -2.28 -19.99 27.22
CA ALA D 89 -1.71 -21.14 27.84
C ALA D 89 -1.91 -22.34 26.95
N ILE D 90 -3.08 -22.41 26.36
CA ILE D 90 -3.44 -23.54 25.54
C ILE D 90 -2.45 -23.57 24.42
N VAL D 91 -2.27 -22.43 23.80
CA VAL D 91 -1.44 -22.33 22.63
C VAL D 91 -0.04 -22.77 22.95
N THR D 92 0.41 -22.48 24.14
CA THR D 92 1.77 -22.73 24.47
C THR D 92 1.94 -24.19 24.24
N GLN D 93 0.93 -24.94 24.59
CA GLN D 93 0.97 -26.38 24.48
C GLN D 93 1.09 -26.86 23.04
N LEU D 94 0.36 -26.21 22.16
CA LEU D 94 0.42 -26.54 20.75
C LEU D 94 1.73 -26.22 20.08
N ILE D 95 2.29 -25.09 20.39
CA ILE D 95 3.54 -24.75 19.82
C ILE D 95 4.56 -25.72 20.32
N SER D 96 4.48 -26.01 21.60
CA SER D 96 5.45 -26.90 22.18
C SER D 96 5.31 -28.27 21.60
N THR D 97 4.10 -28.79 21.65
CA THR D 97 3.85 -30.14 21.21
C THR D 97 4.04 -30.41 19.74
N TYR D 98 3.47 -29.59 18.88
CA TYR D 98 3.54 -29.86 17.45
C TYR D 98 4.59 -29.04 16.73
N GLN D 99 5.35 -28.24 17.47
CA GLN D 99 6.40 -27.42 16.90
C GLN D 99 5.96 -26.46 15.79
N LEU D 100 4.87 -25.77 16.02
CA LEU D 100 4.30 -24.90 15.00
C LEU D 100 5.23 -23.76 14.74
N LYS D 101 5.42 -23.39 13.49
CA LYS D 101 6.55 -22.57 13.23
C LYS D 101 6.44 -21.22 12.56
N GLU D 102 5.76 -21.18 11.44
CA GLU D 102 6.03 -20.08 10.56
C GLU D 102 4.88 -19.77 9.64
N GLY D 103 5.16 -19.62 8.36
CA GLY D 103 4.13 -19.38 7.39
C GLY D 103 4.22 -20.46 6.35
N ASN D 104 5.15 -20.30 5.43
CA ASN D 104 5.34 -21.26 4.37
C ASN D 104 6.78 -21.69 4.34
N PRO D 105 7.24 -22.32 5.50
CA PRO D 105 8.70 -22.47 5.51
C PRO D 105 9.08 -23.65 4.69
N GLY D 106 9.94 -24.51 5.20
CA GLY D 106 10.29 -25.70 4.49
C GLY D 106 9.29 -26.81 4.68
N ARG D 107 9.45 -27.84 3.88
CA ARG D 107 8.59 -29.00 3.95
C ARG D 107 8.80 -29.68 5.28
N ASP D 108 7.81 -30.43 5.70
CA ASP D 108 7.93 -31.26 6.85
C ASP D 108 7.79 -30.54 8.17
N THR D 109 7.26 -29.33 8.12
CA THR D 109 7.00 -28.58 9.31
C THR D 109 5.56 -28.13 9.41
N ILE D 110 4.98 -28.28 10.59
CA ILE D 110 3.59 -27.93 10.88
C ILE D 110 3.23 -26.46 11.04
N THR D 111 2.14 -26.06 10.40
CA THR D 111 1.68 -24.69 10.33
C THR D 111 0.14 -24.69 10.36
N LEU D 112 -0.46 -23.76 11.09
CA LEU D 112 -1.87 -23.82 11.33
C LEU D 112 -2.65 -23.82 10.05
N SER D 113 -2.22 -23.04 9.11
CA SER D 113 -2.90 -22.98 7.86
C SER D 113 -2.79 -24.31 7.19
N ARG D 114 -1.68 -24.98 7.48
CA ARG D 114 -1.42 -26.29 6.96
C ARG D 114 -2.32 -27.33 7.54
N VAL D 115 -2.51 -27.24 8.83
CA VAL D 115 -3.40 -28.10 9.54
C VAL D 115 -4.79 -27.90 9.02
N SER D 116 -5.13 -26.68 8.74
CA SER D 116 -6.43 -26.41 8.25
C SER D 116 -6.62 -27.08 6.95
N ALA D 117 -5.60 -27.11 6.14
CA ALA D 117 -5.68 -27.78 4.86
C ALA D 117 -5.78 -29.29 4.92
N ALA D 118 -4.93 -29.90 5.71
CA ALA D 118 -4.87 -31.33 5.79
C ALA D 118 -6.14 -31.93 6.35
N PHE D 119 -6.70 -31.25 7.33
CA PHE D 119 -7.89 -31.70 8.03
C PHE D 119 -9.10 -30.94 7.61
N VAL D 120 -9.14 -30.55 6.36
CA VAL D 120 -10.13 -29.67 5.83
C VAL D 120 -11.52 -30.24 6.01
N PRO D 121 -11.66 -31.55 6.16
CA PRO D 121 -12.99 -32.09 6.34
C PRO D 121 -13.62 -31.61 7.62
N TRP D 122 -12.86 -31.42 8.67
CA TRP D 122 -13.35 -30.71 9.83
C TRP D 122 -13.55 -29.22 9.57
N THR D 123 -12.67 -28.64 8.78
CA THR D 123 -12.63 -27.22 8.65
C THR D 123 -13.93 -26.75 8.10
N VAL D 124 -14.42 -27.41 7.09
CA VAL D 124 -15.66 -26.99 6.47
C VAL D 124 -16.84 -27.19 7.37
N GLN D 125 -16.74 -28.13 8.28
CA GLN D 125 -17.75 -28.26 9.29
C GLN D 125 -17.78 -27.10 10.26
N ALA D 126 -16.61 -26.67 10.70
CA ALA D 126 -16.47 -25.60 11.69
C ALA D 126 -16.80 -24.21 11.17
N LEU D 127 -16.82 -24.07 9.87
CA LEU D 127 -17.03 -22.76 9.29
C LEU D 127 -18.40 -22.26 9.67
N LYS D 128 -19.32 -23.17 9.85
CA LYS D 128 -20.69 -22.80 10.09
C LYS D 128 -20.86 -22.02 11.36
N THR D 129 -20.32 -22.57 12.41
CA THR D 129 -20.51 -22.01 13.72
C THR D 129 -19.67 -20.75 13.87
N LEU D 130 -18.81 -20.51 12.91
CA LEU D 130 -17.75 -19.56 13.08
C LEU D 130 -17.85 -18.33 12.23
N SER D 131 -18.92 -18.23 11.47
CA SER D 131 -18.94 -17.36 10.34
C SER D 131 -18.66 -15.92 10.67
N GLU D 132 -19.14 -15.43 11.80
CA GLU D 132 -19.01 -14.01 12.07
C GLU D 132 -17.83 -13.58 12.90
N SER D 133 -17.02 -14.52 13.38
CA SER D 133 -15.76 -14.15 14.00
C SER D 133 -14.62 -14.27 13.02
N LEU D 134 -14.97 -14.53 11.78
CA LEU D 134 -14.06 -14.62 10.68
C LEU D 134 -13.71 -13.27 10.13
N PRO D 135 -12.51 -13.11 9.57
CA PRO D 135 -12.04 -11.81 9.13
C PRO D 135 -12.92 -11.21 8.08
N VAL D 136 -13.50 -12.04 7.24
CA VAL D 136 -14.58 -11.64 6.38
C VAL D 136 -15.77 -12.48 6.81
N THR D 137 -16.87 -11.83 7.11
CA THR D 137 -18.02 -12.52 7.63
C THR D 137 -18.90 -13.00 6.55
N GLY D 138 -19.78 -13.90 6.92
CA GLY D 138 -20.76 -14.44 6.02
C GLY D 138 -21.72 -13.38 5.61
N THR D 139 -22.05 -12.55 6.55
CA THR D 139 -23.03 -11.51 6.35
C THR D 139 -22.58 -10.50 5.32
N THR D 140 -21.32 -10.13 5.34
CA THR D 140 -20.86 -9.24 4.31
C THR D 140 -21.06 -9.99 3.01
N MET D 141 -20.63 -11.23 3.04
CA MET D 141 -20.54 -12.07 1.87
C MET D 141 -21.91 -12.34 1.27
N ASP D 142 -22.93 -12.43 2.09
CA ASP D 142 -24.25 -12.58 1.53
C ASP D 142 -24.63 -11.32 0.77
N SER D 143 -24.27 -10.16 1.29
CA SER D 143 -24.50 -8.98 0.54
C SER D 143 -23.65 -8.99 -0.71
N ILE D 144 -22.36 -9.20 -0.53
CA ILE D 144 -21.45 -9.10 -1.64
C ILE D 144 -21.98 -10.09 -2.65
N ALA D 145 -22.39 -11.22 -2.14
CA ALA D 145 -23.05 -12.24 -2.91
C ALA D 145 -24.45 -11.77 -3.13
N GLY D 146 -25.10 -12.34 -4.10
CA GLY D 146 -26.45 -11.96 -4.42
C GLY D 146 -27.42 -12.82 -3.65
N THR D 147 -26.91 -13.43 -2.60
CA THR D 147 -27.60 -14.53 -1.98
C THR D 147 -26.81 -15.05 -0.81
N THR D 148 -27.20 -16.21 -0.33
CA THR D 148 -26.46 -16.83 0.75
C THR D 148 -25.21 -17.54 0.25
N TYR D 149 -24.08 -17.15 0.78
CA TYR D 149 -22.84 -17.69 0.30
C TYR D 149 -22.33 -18.73 1.25
N PRO D 150 -22.13 -19.94 0.78
CA PRO D 150 -21.98 -21.05 1.70
C PRO D 150 -20.76 -20.92 2.55
N ARG D 151 -20.98 -21.04 3.83
CA ARG D 151 -20.00 -20.77 4.85
C ARG D 151 -18.84 -21.71 4.72
N CYS D 152 -19.14 -22.88 4.18
CA CYS D 152 -18.21 -23.97 4.03
C CYS D 152 -17.05 -23.60 3.13
N MET D 153 -17.32 -22.76 2.16
CA MET D 153 -16.30 -22.21 1.29
C MET D 153 -15.38 -21.16 1.86
N MET D 154 -15.76 -20.51 2.94
CA MET D 154 -15.08 -19.30 3.31
C MET D 154 -13.79 -19.48 4.09
N HIS D 155 -12.91 -20.26 3.52
CA HIS D 155 -11.55 -20.28 3.96
C HIS D 155 -10.77 -20.81 2.79
N PRO D 156 -9.47 -20.65 2.79
CA PRO D 156 -8.70 -21.16 1.67
C PRO D 156 -8.77 -22.68 1.52
N SER D 157 -8.78 -23.40 2.62
CA SER D 157 -8.58 -24.81 2.58
C SER D 157 -9.67 -25.47 1.82
N PHE D 158 -10.72 -24.73 1.55
CA PHE D 158 -11.82 -25.29 0.81
C PHE D 158 -11.31 -25.73 -0.52
N ALA D 159 -10.18 -25.17 -0.91
CA ALA D 159 -9.60 -25.41 -2.22
C ALA D 159 -9.24 -26.86 -2.33
N GLY D 160 -8.90 -27.44 -1.20
CA GLY D 160 -8.44 -28.79 -1.12
C GLY D 160 -9.46 -29.84 -1.46
N ILE D 161 -10.71 -29.47 -1.63
CA ILE D 161 -11.73 -30.45 -1.90
C ILE D 161 -12.47 -30.22 -3.17
N ILE D 162 -11.92 -29.46 -4.09
CA ILE D 162 -12.59 -29.19 -5.33
C ILE D 162 -12.11 -30.13 -6.42
N ASP D 163 -13.03 -30.73 -7.15
CA ASP D 163 -12.64 -31.59 -8.23
C ASP D 163 -12.93 -30.91 -9.56
N LEU D 164 -11.89 -30.48 -10.23
CA LEU D 164 -12.02 -29.75 -11.47
C LEU D 164 -12.62 -30.62 -12.53
N GLU D 165 -12.33 -31.91 -12.38
CA GLU D 165 -12.64 -32.96 -13.32
C GLU D 165 -14.12 -33.29 -13.28
N LEU D 166 -14.79 -32.65 -12.34
CA LEU D 166 -16.19 -32.81 -12.14
C LEU D 166 -16.87 -32.32 -13.37
N PRO D 167 -17.94 -32.98 -13.77
CA PRO D 167 -18.62 -32.65 -15.02
C PRO D 167 -19.28 -31.27 -15.05
N ASN D 168 -19.33 -30.67 -16.23
CA ASN D 168 -19.94 -29.38 -16.46
C ASN D 168 -19.15 -28.27 -15.85
N ASN D 169 -17.88 -28.52 -15.65
CA ASN D 169 -17.03 -27.46 -15.24
C ASN D 169 -17.47 -26.97 -13.86
N THR D 170 -18.24 -27.82 -13.20
CA THR D 170 -18.74 -27.49 -11.90
C THR D 170 -17.54 -27.28 -11.03
N GLY D 171 -16.52 -28.09 -11.24
CA GLY D 171 -15.35 -27.93 -10.43
C GLY D 171 -14.83 -26.53 -10.67
N ALA D 172 -14.89 -26.09 -11.90
CA ALA D 172 -14.38 -24.79 -12.28
C ALA D 172 -15.15 -23.75 -11.55
N MET D 173 -16.44 -23.97 -11.49
CA MET D 173 -17.28 -22.99 -10.92
C MET D 173 -16.81 -22.75 -9.52
N LEU D 174 -16.62 -23.82 -8.80
CA LEU D 174 -16.37 -23.71 -7.39
C LEU D 174 -15.12 -22.91 -7.15
N ALA D 175 -14.18 -23.03 -8.06
CA ALA D 175 -12.92 -22.33 -7.96
C ALA D 175 -13.19 -20.87 -8.04
N ASP D 176 -14.08 -20.50 -8.93
CA ASP D 176 -14.45 -19.13 -9.09
C ASP D 176 -15.12 -18.60 -7.84
N ALA D 177 -16.12 -19.33 -7.39
CA ALA D 177 -16.87 -18.96 -6.23
C ALA D 177 -15.99 -18.91 -5.00
N HIS D 178 -15.04 -19.81 -4.87
CA HIS D 178 -14.08 -19.73 -3.78
C HIS D 178 -13.23 -18.46 -3.88
N GLY D 179 -12.80 -18.11 -5.08
CA GLY D 179 -11.90 -17.00 -5.28
C GLY D 179 -12.54 -15.75 -4.75
N LEU D 180 -13.84 -15.70 -4.92
CA LEU D 180 -14.61 -14.53 -4.63
C LEU D 180 -14.37 -14.24 -3.18
N PHE D 181 -14.44 -15.25 -2.38
CA PHE D 181 -14.10 -15.12 -1.01
C PHE D 181 -12.63 -14.83 -0.96
N MET D 182 -11.89 -15.42 -1.87
CA MET D 182 -10.45 -15.41 -1.75
C MET D 182 -9.87 -14.01 -1.82
N LEU D 183 -10.43 -13.18 -2.69
CA LEU D 183 -9.96 -11.84 -2.76
C LEU D 183 -9.85 -11.43 -1.32
N GLU D 184 -10.99 -11.02 -0.78
CA GLU D 184 -11.09 -10.41 0.54
C GLU D 184 -10.12 -10.99 1.55
N PHE D 185 -9.99 -12.32 1.56
CA PHE D 185 -9.18 -12.94 2.56
C PHE D 185 -7.76 -12.39 2.49
N SER D 186 -7.28 -12.27 1.28
CA SER D 186 -5.92 -11.85 1.05
C SER D 186 -5.64 -10.43 1.52
N LYS D 187 -6.50 -9.51 1.14
CA LYS D 187 -6.38 -8.17 1.64
C LYS D 187 -6.81 -8.40 3.02
N THR D 188 -5.85 -8.68 3.89
CA THR D 188 -6.15 -9.11 5.21
C THR D 188 -4.88 -9.62 5.80
N ILE D 189 -4.52 -10.81 5.39
CA ILE D 189 -3.26 -11.40 5.80
C ILE D 189 -2.14 -10.47 5.37
N ASN D 190 -2.47 -9.60 4.46
CA ASN D 190 -1.64 -8.46 4.16
C ASN D 190 -2.56 -7.28 4.14
N PRO D 191 -2.23 -6.25 5.03
CA PRO D 191 -3.16 -5.12 4.95
C PRO D 191 -3.06 -4.53 3.57
N SER D 192 -1.96 -4.79 2.90
CA SER D 192 -1.82 -4.32 1.57
C SER D 192 -0.60 -4.79 0.82
N LEU D 193 -0.79 -5.36 -0.35
CA LEU D 193 -2.10 -5.77 -0.86
C LEU D 193 -3.17 -4.70 -0.92
N ARG D 194 -4.38 -5.15 -1.20
CA ARG D 194 -5.58 -4.35 -1.04
C ARG D 194 -6.08 -3.61 -2.23
N THR D 195 -6.76 -4.33 -3.10
CA THR D 195 -7.61 -3.84 -4.19
C THR D 195 -6.92 -3.41 -5.49
N LYS D 196 -5.72 -3.90 -5.69
CA LYS D 196 -5.04 -3.76 -6.94
C LYS D 196 -5.92 -4.62 -7.81
N GLN D 197 -6.87 -4.00 -8.53
CA GLN D 197 -8.09 -4.64 -9.06
C GLN D 197 -8.01 -6.14 -9.16
N PRO D 198 -8.99 -6.82 -8.43
CA PRO D 198 -8.51 -8.06 -7.83
C PRO D 198 -7.88 -9.06 -8.76
N ASN D 199 -6.88 -8.59 -9.49
CA ASN D 199 -6.19 -9.43 -10.41
C ASN D 199 -4.85 -9.77 -9.81
N GLU D 200 -4.08 -8.78 -9.42
CA GLU D 200 -2.82 -9.05 -8.75
C GLU D 200 -3.14 -9.68 -7.42
N ILE D 201 -4.31 -9.40 -6.90
CA ILE D 201 -4.86 -10.23 -5.87
C ILE D 201 -5.48 -11.34 -6.66
N ALA D 202 -4.77 -12.44 -6.76
CA ALA D 202 -5.28 -13.60 -7.45
C ALA D 202 -4.02 -14.31 -7.64
N ALA D 203 -3.18 -13.74 -8.48
CA ALA D 203 -1.82 -14.19 -8.62
C ALA D 203 -1.18 -14.30 -7.26
N THR D 204 -1.75 -13.61 -6.31
CA THR D 204 -1.42 -13.73 -4.95
C THR D 204 -1.73 -15.12 -4.45
N PHE D 205 -2.84 -15.70 -4.86
CA PHE D 205 -3.25 -17.00 -4.35
C PHE D 205 -3.37 -18.16 -5.36
N GLU D 206 -3.43 -17.82 -6.63
CA GLU D 206 -3.70 -18.81 -7.63
C GLU D 206 -2.69 -19.93 -7.65
N LYS D 207 -1.52 -19.67 -7.12
CA LYS D 207 -0.39 -20.57 -7.27
C LYS D 207 -0.39 -21.68 -6.25
N PRO D 208 -0.76 -21.30 -4.94
CA PRO D 208 -0.94 -22.44 -4.05
C PRO D 208 -2.37 -22.91 -4.09
N ASN D 209 -3.20 -22.28 -4.89
CA ASN D 209 -4.58 -22.68 -4.95
C ASN D 209 -4.79 -23.77 -5.93
N MET D 210 -4.08 -23.72 -7.03
CA MET D 210 -4.08 -24.84 -7.93
C MET D 210 -3.43 -25.98 -7.23
N ALA D 211 -2.39 -25.68 -6.49
CA ALA D 211 -1.55 -26.68 -5.89
C ALA D 211 -2.34 -27.54 -4.93
N ALA D 212 -3.20 -26.91 -4.15
CA ALA D 212 -4.20 -27.61 -3.36
C ALA D 212 -5.33 -28.27 -4.16
N MET D 213 -5.81 -27.60 -5.20
CA MET D 213 -6.91 -28.09 -6.02
C MET D 213 -6.58 -29.33 -6.79
N THR D 214 -5.30 -29.50 -7.09
CA THR D 214 -4.85 -30.59 -7.89
C THR D 214 -3.99 -31.52 -7.10
N GLY D 215 -3.95 -31.34 -5.82
CA GLY D 215 -3.26 -32.28 -4.97
C GLY D 215 -4.05 -33.55 -4.99
N ARG D 216 -3.38 -34.69 -4.93
CA ARG D 216 -4.04 -35.94 -5.12
C ARG D 216 -4.18 -36.66 -3.83
N PHE D 217 -4.14 -35.90 -2.76
CA PHE D 217 -4.31 -36.44 -1.44
C PHE D 217 -5.70 -37.04 -1.30
N PHE D 218 -6.67 -36.40 -1.92
CA PHE D 218 -8.01 -36.90 -1.86
C PHE D 218 -8.36 -37.32 -3.25
N THR D 219 -9.03 -38.44 -3.34
CA THR D 219 -9.53 -38.92 -4.61
C THR D 219 -10.75 -38.17 -5.02
N ARG D 220 -11.10 -38.29 -6.28
CA ARG D 220 -12.27 -37.66 -6.81
C ARG D 220 -13.46 -38.19 -6.04
N ASP D 221 -13.44 -39.44 -5.69
CA ASP D 221 -14.52 -40.02 -4.92
C ASP D 221 -14.63 -39.38 -3.57
N ASP D 222 -13.50 -39.12 -2.96
CA ASP D 222 -13.52 -38.46 -1.67
C ASP D 222 -14.10 -37.05 -1.77
N LYS D 223 -13.72 -36.33 -2.79
CA LYS D 223 -14.15 -34.99 -2.96
C LYS D 223 -15.62 -34.95 -3.15
N LYS D 224 -16.13 -35.85 -3.95
CA LYS D 224 -17.53 -35.91 -4.20
C LYS D 224 -18.28 -36.19 -2.93
N LYS D 225 -17.78 -37.10 -2.15
CA LYS D 225 -18.40 -37.40 -0.90
C LYS D 225 -18.36 -36.25 0.06
N LEU D 226 -17.26 -35.53 0.11
CA LEU D 226 -17.21 -34.33 0.92
C LEU D 226 -18.13 -33.23 0.42
N LEU D 227 -18.17 -33.01 -0.88
CA LEU D 227 -18.96 -31.93 -1.43
C LEU D 227 -20.41 -32.13 -1.19
N ILE D 228 -20.89 -33.34 -1.28
CA ILE D 228 -22.27 -33.62 -0.97
C ILE D 228 -22.64 -33.40 0.48
N ALA D 229 -21.77 -33.84 1.37
CA ALA D 229 -22.05 -33.80 2.78
C ALA D 229 -22.21 -32.38 3.25
N ILE D 230 -21.47 -31.48 2.64
CA ILE D 230 -21.56 -30.12 3.05
C ILE D 230 -22.65 -29.41 2.33
N GLY D 231 -23.30 -30.10 1.43
CA GLY D 231 -24.46 -29.57 0.80
C GLY D 231 -24.16 -28.64 -0.34
N VAL D 232 -22.91 -28.60 -0.74
CA VAL D 232 -22.43 -27.85 -1.86
C VAL D 232 -22.88 -28.48 -3.15
N LEU D 233 -23.28 -29.74 -3.05
CA LEU D 233 -23.60 -30.55 -4.20
C LEU D 233 -24.72 -31.50 -3.92
N ASN D 234 -25.31 -32.04 -4.97
CA ASN D 234 -26.36 -33.04 -4.88
C ASN D 234 -25.92 -34.36 -5.50
N GLU D 235 -26.61 -35.43 -5.16
CA GLU D 235 -26.14 -36.74 -5.53
C GLU D 235 -25.96 -36.76 -7.01
N ASP D 236 -26.77 -35.98 -7.68
CA ASP D 236 -26.64 -35.92 -9.11
C ASP D 236 -25.41 -35.13 -9.49
N LEU D 237 -24.77 -34.56 -8.47
CA LEU D 237 -23.63 -33.74 -8.72
C LEU D 237 -24.00 -32.38 -9.31
N VAL D 238 -25.18 -31.90 -9.00
CA VAL D 238 -25.54 -30.59 -9.51
C VAL D 238 -25.57 -29.61 -8.35
N PRO D 239 -24.71 -28.63 -8.40
CA PRO D 239 -24.47 -27.75 -7.29
C PRO D 239 -25.64 -26.85 -7.07
N ASN D 240 -25.70 -26.17 -5.95
CA ASN D 240 -26.82 -25.30 -5.72
C ASN D 240 -26.78 -24.06 -6.55
N PRO D 241 -27.89 -23.35 -6.52
CA PRO D 241 -28.01 -22.08 -7.19
C PRO D 241 -27.02 -21.06 -6.66
N ALA D 242 -26.74 -21.07 -5.37
CA ALA D 242 -25.94 -20.02 -4.80
C ALA D 242 -24.58 -20.01 -5.43
N ILE D 243 -24.14 -21.19 -5.81
CA ILE D 243 -22.89 -21.35 -6.51
C ILE D 243 -22.95 -20.70 -7.88
N GLU D 244 -24.00 -21.09 -8.60
CA GLU D 244 -24.29 -20.60 -9.93
C GLU D 244 -24.08 -19.12 -9.89
N LYS D 245 -24.46 -18.54 -8.77
CA LYS D 245 -24.26 -17.14 -8.56
C LYS D 245 -22.84 -16.89 -8.11
N CYS D 246 -22.03 -17.96 -8.06
CA CYS D 246 -20.58 -17.88 -7.75
C CYS D 246 -19.94 -16.52 -8.00
N ALA D 247 -19.66 -16.16 -9.25
CA ALA D 247 -19.73 -16.99 -10.44
C ALA D 247 -19.47 -16.05 -11.59
N GLU D 248 -20.32 -16.06 -12.63
CA GLU D 248 -20.33 -15.04 -13.67
C GLU D 248 -20.13 -13.69 -13.03
N LYS D 249 -20.65 -13.62 -11.80
CA LYS D 249 -20.31 -12.66 -10.79
C LYS D 249 -18.85 -12.65 -10.47
N TYR D 250 -18.25 -13.83 -10.38
CA TYR D 250 -16.82 -13.86 -10.09
C TYR D 250 -16.04 -13.23 -11.23
N LYS D 251 -16.62 -13.22 -12.42
CA LYS D 251 -15.97 -12.66 -13.57
C LYS D 251 -15.46 -11.26 -13.35
N ALA D 252 -16.37 -10.33 -13.08
CA ALA D 252 -16.07 -8.95 -13.17
C ALA D 252 -15.23 -8.51 -12.02
N LYS D 253 -13.92 -8.46 -12.25
CA LYS D 253 -12.98 -8.04 -11.21
C LYS D 253 -11.55 -8.43 -11.58
#